data_6Y1G
#
_entry.id   6Y1G
#
_cell.length_a   50.710
_cell.length_b   75.200
_cell.length_c   254.210
_cell.angle_alpha   90.000
_cell.angle_beta   90.000
_cell.angle_gamma   90.000
#
_symmetry.space_group_name_H-M   'P 21 21 21'
#
loop_
_entity.id
_entity.type
_entity.pdbx_description
1 polymer 'GFP-like non-fluorescent chromoprotein'
2 non-polymer 1,2-ETHANEDIOL
3 water water
#
_entity_poly.entity_id   1
_entity_poly.type   'polypeptide(L)'
_entity_poly.pdbx_seq_one_letter_code
;MRGSHHHHHHGSSGLLKESMRIKMYMEGTVNGHYFKCEGEGDGNPFAGTQSMRIHVTEGAPLPFAFDILAPCC(CRU)SR
TFVHHTAEIPDFFKQSFPEGFTWERTTTYEDGGILTAHQDTSLEGNCLIYKVKVLGTNFPADGPVMKNKSGGWEPSTEVV
YPENGVLCGRNVMALKVGDRRLICHHYTSYRSKKAVRALTMPGFHFTDIRLQMLRKEKDEYFELYEASVARYSDLPEKAN
;
_entity_poly.pdbx_strand_id   A,B,C,D
#
# COMPACT_ATOMS: atom_id res chain seq x y z
N GLY A 14 -42.62 -6.20 7.55
CA GLY A 14 -42.10 -4.89 7.04
C GLY A 14 -41.54 -3.99 8.16
N LEU A 15 -40.33 -4.31 8.62
CA LEU A 15 -39.46 -3.42 9.45
C LEU A 15 -39.00 -2.20 8.63
N LEU A 16 -38.86 -2.34 7.31
CA LEU A 16 -38.30 -1.31 6.40
C LEU A 16 -39.42 -0.71 5.56
N LYS A 17 -39.48 0.63 5.49
CA LYS A 17 -40.53 1.40 4.75
C LYS A 17 -39.87 2.45 3.85
N GLU A 18 -40.68 3.09 3.00
CA GLU A 18 -40.23 4.10 2.01
C GLU A 18 -39.73 5.37 2.70
N SER A 19 -40.04 5.57 3.96
CA SER A 19 -39.53 6.68 4.80
C SER A 19 -39.03 6.08 6.11
N MET A 20 -37.73 6.10 6.34
CA MET A 20 -37.12 5.74 7.63
CA MET A 20 -37.17 5.77 7.66
C MET A 20 -36.38 6.98 8.13
N ARG A 21 -36.07 7.00 9.42
CA ARG A 21 -35.31 8.07 10.12
C ARG A 21 -33.93 7.52 10.51
N ILE A 22 -32.96 8.39 10.80
CA ILE A 22 -31.57 7.98 11.16
C ILE A 22 -31.10 8.82 12.32
N LYS A 23 -30.49 8.16 13.29
CA LYS A 23 -29.74 8.85 14.35
C LYS A 23 -28.32 8.28 14.34
N MET A 24 -27.33 9.16 14.32
CA MET A 24 -25.91 8.72 14.32
C MET A 24 -25.16 9.32 15.53
N TYR A 25 -24.37 8.49 16.17
CA TYR A 25 -23.34 8.94 17.12
C TYR A 25 -21.96 8.55 16.56
N MET A 26 -21.04 9.53 16.52
CA MET A 26 -19.63 9.38 16.08
C MET A 26 -18.68 9.90 17.16
N GLU A 27 -17.63 9.13 17.41
CA GLU A 27 -16.53 9.49 18.31
C GLU A 27 -15.23 9.22 17.55
N GLY A 28 -14.30 10.18 17.58
CA GLY A 28 -12.96 9.86 17.08
C GLY A 28 -11.84 10.79 17.47
N THR A 29 -10.65 10.37 17.01
CA THR A 29 -9.36 11.12 17.04
CA THR A 29 -9.40 11.18 17.02
C THR A 29 -8.76 11.11 15.62
N VAL A 30 -8.39 12.27 15.11
CA VAL A 30 -7.71 12.38 13.80
C VAL A 30 -6.48 13.22 14.07
N ASN A 31 -5.29 12.67 13.84
CA ASN A 31 -4.00 13.36 14.13
C ASN A 31 -4.02 13.86 15.57
N GLY A 32 -4.57 13.10 16.48
CA GLY A 32 -4.61 13.53 17.88
C GLY A 32 -5.71 14.51 18.20
N HIS A 33 -6.51 15.01 17.24
CA HIS A 33 -7.67 15.89 17.61
C HIS A 33 -8.88 14.99 17.95
N TYR A 34 -9.29 14.97 19.21
CA TYR A 34 -10.51 14.25 19.66
C TYR A 34 -11.77 15.03 19.25
N PHE A 35 -12.81 14.33 18.82
CA PHE A 35 -14.13 14.94 18.53
C PHE A 35 -15.27 13.94 18.72
N LYS A 36 -16.49 14.47 18.80
CA LYS A 36 -17.77 13.72 18.71
C LYS A 36 -18.72 14.47 17.77
N CYS A 37 -19.61 13.76 17.12
CA CYS A 37 -20.63 14.33 16.21
C CYS A 37 -21.91 13.56 16.44
N GLU A 38 -23.02 14.18 16.06
CA GLU A 38 -24.33 13.52 16.10
C GLU A 38 -25.07 13.89 14.86
N GLY A 39 -25.75 12.88 14.33
CA GLY A 39 -26.41 12.94 13.04
C GLY A 39 -27.88 12.72 13.23
N GLU A 40 -28.66 13.41 12.41
CA GLU A 40 -30.12 13.32 12.36
C GLU A 40 -30.44 13.24 10.86
N GLY A 41 -31.06 12.17 10.39
CA GLY A 41 -31.42 12.09 8.97
C GLY A 41 -32.67 11.29 8.68
N ASP A 42 -32.96 11.13 7.40
CA ASP A 42 -34.20 10.51 6.89
C ASP A 42 -33.89 10.00 5.48
N GLY A 43 -34.65 9.04 5.01
CA GLY A 43 -34.34 8.50 3.70
C GLY A 43 -35.39 7.55 3.22
N ASN A 44 -35.25 7.20 1.94
CA ASN A 44 -36.04 6.16 1.27
C ASN A 44 -35.07 5.05 0.93
N PRO A 45 -34.99 3.97 1.72
CA PRO A 45 -33.93 2.97 1.54
C PRO A 45 -34.13 2.09 0.30
N PHE A 46 -35.33 2.11 -0.31
CA PHE A 46 -35.65 1.41 -1.57
C PHE A 46 -35.24 2.27 -2.79
N ALA A 47 -35.33 3.60 -2.69
CA ALA A 47 -35.03 4.53 -3.80
C ALA A 47 -33.54 4.87 -3.76
N GLY A 48 -32.89 4.61 -2.64
CA GLY A 48 -31.44 4.70 -2.44
C GLY A 48 -31.02 6.12 -2.12
N THR A 49 -31.95 6.91 -1.56
CA THR A 49 -31.75 8.34 -1.28
C THR A 49 -31.88 8.61 0.21
N GLN A 50 -31.09 9.53 0.71
CA GLN A 50 -31.10 9.87 2.15
C GLN A 50 -30.32 11.17 2.33
N SER A 51 -30.61 11.85 3.43
CA SER A 51 -30.00 13.13 3.83
C SER A 51 -29.66 13.00 5.32
N MET A 52 -28.62 13.66 5.75
CA MET A 52 -28.32 13.71 7.19
C MET A 52 -27.80 15.10 7.56
N ARG A 53 -28.18 15.56 8.74
CA ARG A 53 -27.66 16.78 9.42
C ARG A 53 -26.65 16.38 10.47
N ILE A 54 -25.41 16.84 10.40
CA ILE A 54 -24.42 16.45 11.43
C ILE A 54 -24.03 17.69 12.23
N HIS A 55 -24.05 17.61 13.57
CA HIS A 55 -23.55 18.62 14.53
C HIS A 55 -22.27 18.04 15.15
N VAL A 56 -21.20 18.84 15.17
CA VAL A 56 -19.97 18.49 15.94
C VAL A 56 -20.20 18.86 17.41
N THR A 57 -20.33 17.87 18.27
CA THR A 57 -20.83 18.06 19.66
C THR A 57 -19.64 18.22 20.59
N GLU A 58 -18.44 17.81 20.19
CA GLU A 58 -17.25 18.00 21.05
C GLU A 58 -16.05 18.19 20.10
N GLY A 59 -15.15 19.13 20.41
CA GLY A 59 -13.90 19.41 19.67
C GLY A 59 -14.17 20.18 18.39
N ALA A 60 -15.28 20.92 18.38
CA ALA A 60 -15.53 22.01 17.41
C ALA A 60 -14.69 23.22 17.84
N PRO A 61 -14.19 24.04 16.90
CA PRO A 61 -14.35 23.79 15.47
C PRO A 61 -13.36 22.71 14.98
N LEU A 62 -13.83 21.82 14.11
CA LEU A 62 -13.02 20.70 13.56
C LEU A 62 -11.81 21.28 12.84
N PRO A 63 -10.57 20.93 13.21
CA PRO A 63 -9.38 21.49 12.57
C PRO A 63 -8.90 20.72 11.33
N PHE A 64 -9.76 19.87 10.75
CA PHE A 64 -9.52 19.14 9.47
C PHE A 64 -10.82 19.13 8.67
N ALA A 65 -10.73 18.73 7.41
CA ALA A 65 -11.85 18.61 6.45
C ALA A 65 -12.83 17.57 6.93
N PHE A 66 -14.10 17.97 7.03
CA PHE A 66 -15.21 17.11 7.46
C PHE A 66 -15.31 16.07 6.35
N ASP A 67 -14.90 16.42 5.13
CA ASP A 67 -15.08 15.51 3.98
C ASP A 67 -14.52 14.13 4.32
N ILE A 68 -13.53 13.97 5.21
CA ILE A 68 -12.97 12.63 5.48
C ILE A 68 -13.93 11.79 6.33
N LEU A 69 -14.82 12.44 7.09
CA LEU A 69 -15.80 11.77 7.99
C LEU A 69 -17.07 11.48 7.22
N ALA A 70 -17.29 12.25 6.14
CA ALA A 70 -18.60 12.26 5.46
C ALA A 70 -18.95 10.83 5.03
N PRO A 71 -18.06 10.00 4.44
CA PRO A 71 -18.39 8.62 4.14
C PRO A 71 -18.44 7.73 5.40
N CYS A 72 -18.21 8.25 6.60
CA CYS A 72 -18.51 7.46 7.82
C CYS A 72 -19.99 7.62 8.22
N CYS A 73 -20.75 8.57 7.64
CA CYS A 73 -22.11 8.97 8.11
C CYS A 73 -23.09 8.07 7.42
N SER A 75 -24.23 4.57 5.32
CA SER A 75 -25.65 4.36 5.48
C SER A 75 -26.08 3.32 4.43
N ARG A 76 -25.62 2.08 4.54
CA ARG A 76 -25.67 1.15 3.38
C ARG A 76 -27.05 0.55 3.26
N THR A 77 -27.93 0.81 4.22
CA THR A 77 -29.34 0.37 4.12
C THR A 77 -30.02 1.08 2.94
N PHE A 78 -29.54 2.29 2.56
CA PHE A 78 -30.18 3.17 1.55
C PHE A 78 -29.51 2.97 0.19
N VAL A 79 -29.89 1.86 -0.45
CA VAL A 79 -29.34 1.46 -1.77
C VAL A 79 -30.48 0.88 -2.59
N HIS A 80 -30.81 1.50 -3.73
CA HIS A 80 -31.75 0.92 -4.74
C HIS A 80 -31.08 -0.26 -5.46
N HIS A 81 -31.61 -1.46 -5.27
CA HIS A 81 -31.05 -2.67 -5.92
C HIS A 81 -31.74 -2.89 -7.28
N THR A 82 -30.95 -2.87 -8.36
CA THR A 82 -31.41 -3.25 -9.73
C THR A 82 -31.18 -4.75 -9.94
N ALA A 83 -31.71 -5.27 -11.04
CA ALA A 83 -31.37 -6.58 -11.64
C ALA A 83 -31.56 -7.71 -10.60
N GLU A 84 -32.48 -7.52 -9.66
CA GLU A 84 -32.84 -8.49 -8.59
C GLU A 84 -31.58 -8.90 -7.81
N ILE A 85 -30.63 -8.01 -7.65
CA ILE A 85 -29.41 -8.28 -6.84
C ILE A 85 -29.82 -8.36 -5.37
N PRO A 86 -29.49 -9.48 -4.68
CA PRO A 86 -29.70 -9.63 -3.24
C PRO A 86 -29.11 -8.50 -2.38
N ASP A 87 -29.94 -7.98 -1.48
CA ASP A 87 -29.66 -6.82 -0.61
C ASP A 87 -29.17 -7.31 0.76
N PHE A 88 -27.87 -7.45 0.91
CA PHE A 88 -27.24 -7.93 2.17
C PHE A 88 -27.76 -7.08 3.34
N PHE A 89 -27.99 -5.79 3.10
CA PHE A 89 -28.20 -4.82 4.18
C PHE A 89 -29.63 -4.98 4.70
N LYS A 90 -30.58 -4.86 3.81
CA LYS A 90 -32.02 -5.01 4.14
C LYS A 90 -32.28 -6.41 4.75
N GLN A 91 -31.75 -7.48 4.18
CA GLN A 91 -31.95 -8.85 4.72
C GLN A 91 -31.39 -9.01 6.15
N SER A 92 -30.56 -8.08 6.62
N SER A 92 -30.54 -8.10 6.62
CA SER A 92 -29.83 -8.17 7.92
CA SER A 92 -29.83 -8.23 7.93
C SER A 92 -30.58 -7.52 9.14
C SER A 92 -30.65 -7.66 9.15
N PHE A 93 -31.83 -7.04 8.84
CA PHE A 93 -32.76 -6.56 9.90
C PHE A 93 -33.70 -7.69 10.34
N PRO A 94 -34.18 -7.70 11.60
CA PRO A 94 -33.98 -6.59 12.55
C PRO A 94 -32.59 -6.42 13.19
N GLU A 95 -31.81 -7.50 13.23
CA GLU A 95 -30.48 -7.57 13.89
C GLU A 95 -29.58 -6.43 13.39
N GLY A 96 -29.63 -6.09 12.10
CA GLY A 96 -28.69 -5.14 11.49
C GLY A 96 -27.33 -5.74 11.12
N PHE A 97 -26.34 -4.87 10.91
CA PHE A 97 -25.01 -5.23 10.37
C PHE A 97 -23.98 -4.26 10.93
N THR A 98 -22.69 -4.64 10.88
CA THR A 98 -21.58 -3.69 11.08
C THR A 98 -20.88 -3.44 9.74
N TRP A 99 -20.10 -2.37 9.71
CA TRP A 99 -19.10 -2.15 8.65
C TRP A 99 -17.81 -1.66 9.30
N GLU A 100 -16.68 -2.07 8.72
CA GLU A 100 -15.33 -1.63 9.14
C GLU A 100 -14.62 -1.23 7.84
N ARG A 101 -13.97 -0.08 7.85
CA ARG A 101 -13.24 0.44 6.67
C ARG A 101 -11.89 0.99 7.10
N THR A 102 -10.88 0.75 6.29
CA THR A 102 -9.66 1.57 6.35
C THR A 102 -9.60 2.31 5.01
N THR A 103 -9.31 3.61 5.06
CA THR A 103 -9.18 4.47 3.86
C THR A 103 -7.76 5.01 3.81
N THR A 104 -7.00 4.63 2.80
CA THR A 104 -5.62 5.14 2.58
C THR A 104 -5.69 6.29 1.58
N TYR A 105 -5.16 7.43 1.95
CA TYR A 105 -5.01 8.64 1.09
C TYR A 105 -3.60 8.59 0.51
N GLU A 106 -3.48 8.93 -0.78
CA GLU A 106 -2.20 8.76 -1.50
C GLU A 106 -1.18 9.76 -0.96
N ASP A 107 -1.57 10.77 -0.18
CA ASP A 107 -0.61 11.76 0.39
C ASP A 107 -0.26 11.46 1.85
N GLY A 108 -0.65 10.29 2.37
CA GLY A 108 -0.15 9.73 3.65
C GLY A 108 -1.23 9.44 4.70
N GLY A 109 -2.41 10.08 4.58
CA GLY A 109 -3.47 9.92 5.59
C GLY A 109 -4.10 8.54 5.59
N ILE A 110 -4.43 8.00 6.78
CA ILE A 110 -5.27 6.77 6.98
C ILE A 110 -6.42 7.08 7.95
N LEU A 111 -7.63 6.72 7.54
CA LEU A 111 -8.90 6.84 8.30
C LEU A 111 -9.46 5.42 8.45
N THR A 112 -9.27 4.80 9.60
CA THR A 112 -9.96 3.56 10.00
C THR A 112 -11.24 3.87 10.78
N ALA A 113 -12.28 3.10 10.51
CA ALA A 113 -13.60 3.30 11.12
C ALA A 113 -14.29 1.93 11.33
N HIS A 114 -14.99 1.78 12.47
CA HIS A 114 -15.94 0.68 12.78
C HIS A 114 -17.32 1.30 13.03
N GLN A 115 -18.35 0.70 12.46
CA GLN A 115 -19.73 1.22 12.55
C GLN A 115 -20.67 0.08 12.97
N ASP A 116 -21.62 0.40 13.84
CA ASP A 116 -22.74 -0.51 14.16
C ASP A 116 -24.02 0.16 13.67
N THR A 117 -24.81 -0.61 12.93
CA THR A 117 -26.17 -0.26 12.49
C THR A 117 -27.21 -1.16 13.15
N SER A 118 -28.10 -0.52 13.90
CA SER A 118 -29.28 -1.10 14.62
C SER A 118 -30.55 -0.41 14.15
N LEU A 119 -31.66 -1.02 14.51
CA LEU A 119 -33.05 -0.57 14.21
C LEU A 119 -33.84 -0.53 15.51
N GLU A 120 -34.42 0.64 15.81
CA GLU A 120 -35.39 0.87 16.91
C GLU A 120 -36.62 1.51 16.29
N GLY A 121 -37.55 0.68 15.86
CA GLY A 121 -38.82 1.13 15.29
C GLY A 121 -38.67 1.59 13.86
N ASN A 122 -38.82 2.90 13.61
CA ASN A 122 -38.66 3.53 12.27
C ASN A 122 -37.29 4.23 12.19
N CYS A 123 -36.43 4.10 13.21
CA CYS A 123 -35.16 4.87 13.31
C CYS A 123 -33.99 3.89 13.25
N LEU A 124 -33.11 4.09 12.27
CA LEU A 124 -31.82 3.37 12.16
C LEU A 124 -30.82 4.09 13.04
N ILE A 125 -30.10 3.36 13.88
CA ILE A 125 -29.14 3.89 14.89
C ILE A 125 -27.73 3.53 14.40
N TYR A 126 -26.90 4.54 14.13
CA TYR A 126 -25.51 4.37 13.68
C TYR A 126 -24.60 4.76 14.83
N LYS A 127 -23.64 3.87 15.18
CA LYS A 127 -22.58 4.14 16.17
C LYS A 127 -21.23 3.99 15.46
N VAL A 128 -20.45 5.07 15.40
CA VAL A 128 -19.21 5.13 14.56
C VAL A 128 -18.05 5.45 15.48
N LYS A 129 -17.00 4.65 15.42
CA LYS A 129 -15.69 4.99 15.98
C LYS A 129 -14.79 5.26 14.79
N VAL A 130 -13.98 6.30 14.92
CA VAL A 130 -13.10 6.80 13.84
C VAL A 130 -11.72 7.06 14.43
N LEU A 131 -10.65 6.55 13.82
CA LEU A 131 -9.23 6.87 14.12
C LEU A 131 -8.57 7.29 12.81
N GLY A 132 -8.02 8.50 12.76
CA GLY A 132 -7.23 9.01 11.64
C GLY A 132 -5.82 9.27 12.08
N THR A 133 -4.84 8.81 11.29
CA THR A 133 -3.39 8.79 11.62
C THR A 133 -2.60 9.36 10.46
N ASN A 134 -1.57 10.13 10.74
CA ASN A 134 -0.47 10.40 9.78
C ASN A 134 -0.98 11.21 8.58
N PHE A 135 -2.04 11.98 8.71
CA PHE A 135 -2.43 12.97 7.65
C PHE A 135 -1.34 14.04 7.62
N PRO A 136 -0.85 14.46 6.44
CA PRO A 136 0.19 15.50 6.36
C PRO A 136 -0.31 16.87 6.82
N ALA A 137 0.45 17.46 7.74
CA ALA A 137 0.13 18.81 8.31
C ALA A 137 -0.17 19.79 7.18
N ASP A 138 0.59 19.79 6.07
CA ASP A 138 0.60 20.74 4.92
CA ASP A 138 0.41 20.87 5.06
C ASP A 138 -0.52 20.38 3.93
N GLY A 139 -1.03 19.15 4.01
CA GLY A 139 -1.96 18.59 3.00
C GLY A 139 -3.37 19.13 3.19
N PRO A 140 -4.24 19.00 2.15
CA PRO A 140 -5.51 19.72 2.12
C PRO A 140 -6.52 19.26 3.17
N VAL A 141 -6.33 18.06 3.72
CA VAL A 141 -7.24 17.54 4.77
C VAL A 141 -7.02 18.35 6.05
N MET A 142 -5.79 18.39 6.59
CA MET A 142 -5.53 19.11 7.87
C MET A 142 -5.56 20.63 7.67
N LYS A 143 -5.39 21.12 6.44
CA LYS A 143 -5.55 22.56 6.12
C LYS A 143 -7.03 22.86 5.76
N ASN A 144 -7.88 21.85 5.65
CA ASN A 144 -9.35 22.09 5.49
C ASN A 144 -9.61 22.81 4.14
N LYS A 145 -9.12 22.25 3.03
CA LYS A 145 -9.17 22.88 1.69
C LYS A 145 -9.79 21.94 0.63
N SER A 146 -10.33 20.81 1.04
CA SER A 146 -11.05 19.89 0.13
C SER A 146 -12.39 20.51 -0.24
N GLY A 147 -12.99 20.10 -1.36
CA GLY A 147 -14.28 20.62 -1.87
C GLY A 147 -15.19 19.47 -2.20
N GLY A 148 -15.13 18.42 -1.40
CA GLY A 148 -16.10 17.33 -1.50
C GLY A 148 -15.60 16.23 -2.42
N TRP A 149 -16.44 15.20 -2.59
CA TRP A 149 -16.12 13.95 -3.29
C TRP A 149 -16.74 14.00 -4.67
N GLU A 150 -16.03 13.45 -5.65
CA GLU A 150 -16.59 12.97 -6.93
C GLU A 150 -17.54 11.82 -6.63
N PRO A 151 -18.51 11.51 -7.52
CA PRO A 151 -19.24 10.25 -7.40
C PRO A 151 -18.22 9.09 -7.55
N SER A 152 -18.62 7.88 -7.16
CA SER A 152 -17.77 6.67 -6.97
C SER A 152 -18.56 5.45 -7.46
N THR A 153 -17.85 4.34 -7.65
CA THR A 153 -18.42 3.00 -7.89
C THR A 153 -17.69 2.04 -6.98
N GLU A 154 -18.32 1.60 -5.90
CA GLU A 154 -17.79 0.54 -5.00
C GLU A 154 -17.94 -0.82 -5.70
N VAL A 155 -16.89 -1.63 -5.56
CA VAL A 155 -16.87 -3.05 -5.97
C VAL A 155 -17.28 -3.89 -4.76
N VAL A 156 -18.31 -4.70 -4.91
CA VAL A 156 -18.88 -5.51 -3.79
C VAL A 156 -18.85 -6.99 -4.15
N TYR A 157 -18.41 -7.84 -3.23
CA TYR A 157 -18.25 -9.29 -3.52
C TYR A 157 -18.21 -10.09 -2.21
N PRO A 158 -18.76 -11.34 -2.25
CA PRO A 158 -18.87 -12.19 -1.07
C PRO A 158 -17.52 -12.83 -0.74
N GLU A 159 -17.21 -13.00 0.55
CA GLU A 159 -16.12 -13.89 0.99
C GLU A 159 -16.56 -14.63 2.25
N ASN A 160 -17.25 -15.77 2.06
CA ASN A 160 -17.78 -16.67 3.13
C ASN A 160 -18.52 -15.85 4.20
N GLY A 161 -19.71 -15.35 3.86
CA GLY A 161 -20.64 -14.72 4.82
C GLY A 161 -20.38 -13.23 5.07
N VAL A 162 -19.19 -12.74 4.74
CA VAL A 162 -18.80 -11.31 4.77
C VAL A 162 -18.95 -10.69 3.37
N LEU A 163 -19.58 -9.52 3.27
CA LEU A 163 -19.57 -8.73 2.01
C LEU A 163 -18.39 -7.77 2.06
N CYS A 164 -17.51 -7.91 1.11
CA CYS A 164 -16.33 -7.02 0.93
C CYS A 164 -16.64 -5.92 -0.06
N GLY A 165 -16.06 -4.76 0.22
CA GLY A 165 -16.11 -3.58 -0.65
C GLY A 165 -14.71 -3.10 -0.92
N ARG A 166 -14.45 -2.65 -2.14
CA ARG A 166 -13.23 -1.90 -2.49
C ARG A 166 -13.67 -0.64 -3.28
N ASN A 167 -12.93 0.46 -3.17
CA ASN A 167 -13.31 1.72 -3.88
C ASN A 167 -12.09 2.57 -4.10
N VAL A 168 -12.09 3.30 -5.19
CA VAL A 168 -11.19 4.46 -5.43
C VAL A 168 -12.07 5.70 -5.33
N MET A 169 -11.73 6.65 -4.47
CA MET A 169 -12.52 7.91 -4.38
C MET A 169 -11.62 9.10 -4.54
N ALA A 170 -12.16 10.17 -5.09
CA ALA A 170 -11.43 11.41 -5.43
C ALA A 170 -11.98 12.58 -4.62
N LEU A 171 -11.14 13.14 -3.77
CA LEU A 171 -11.40 14.37 -2.98
C LEU A 171 -11.01 15.59 -3.83
N LYS A 172 -11.96 16.49 -4.05
CA LYS A 172 -11.72 17.69 -4.89
C LYS A 172 -10.78 18.64 -4.14
N VAL A 173 -9.71 19.12 -4.77
CA VAL A 173 -8.80 20.19 -4.25
C VAL A 173 -8.50 21.19 -5.37
N GLY A 174 -9.37 22.20 -5.49
CA GLY A 174 -9.50 23.00 -6.72
C GLY A 174 -9.73 22.10 -7.93
N ASP A 175 -8.80 22.14 -8.87
CA ASP A 175 -8.91 21.42 -10.17
C ASP A 175 -8.04 20.16 -10.05
N ARG A 176 -7.43 19.93 -8.87
CA ARG A 176 -6.70 18.66 -8.59
C ARG A 176 -7.63 17.64 -7.90
N ARG A 177 -7.26 16.36 -7.98
CA ARG A 177 -8.01 15.32 -7.27
C ARG A 177 -7.06 14.57 -6.35
N LEU A 178 -7.36 14.48 -5.05
CA LEU A 178 -6.61 13.61 -4.10
C LEU A 178 -7.33 12.28 -3.99
N ILE A 179 -6.57 11.22 -4.23
CA ILE A 179 -7.14 9.85 -4.42
C ILE A 179 -7.01 9.12 -3.09
N CYS A 180 -8.06 8.39 -2.72
CA CYS A 180 -8.01 7.46 -1.56
C CYS A 180 -8.62 6.13 -1.96
N HIS A 181 -8.36 5.14 -1.11
CA HIS A 181 -8.63 3.70 -1.37
C HIS A 181 -9.39 3.16 -0.17
N HIS A 182 -10.59 2.64 -0.41
CA HIS A 182 -11.46 2.07 0.64
C HIS A 182 -11.26 0.57 0.70
N TYR A 183 -11.08 0.06 1.92
CA TYR A 183 -11.12 -1.40 2.21
C TYR A 183 -12.16 -1.65 3.29
N THR A 184 -13.28 -2.22 2.85
CA THR A 184 -14.53 -2.36 3.64
C THR A 184 -14.86 -3.85 3.85
N SER A 185 -15.24 -4.27 5.06
CA SER A 185 -15.91 -5.57 5.30
C SER A 185 -17.30 -5.28 5.92
N TYR A 186 -18.38 -5.84 5.37
CA TYR A 186 -19.73 -5.68 5.95
C TYR A 186 -20.10 -7.02 6.59
N ARG A 187 -20.43 -7.05 7.89
CA ARG A 187 -20.77 -8.31 8.61
C ARG A 187 -22.25 -8.25 9.06
N SER A 188 -23.08 -9.21 8.67
CA SER A 188 -24.47 -9.30 9.19
C SER A 188 -24.40 -9.65 10.67
N LYS A 189 -25.30 -9.11 11.47
CA LYS A 189 -25.43 -9.58 12.88
C LYS A 189 -26.50 -10.68 12.91
N LYS A 190 -27.28 -10.84 11.83
CA LYS A 190 -28.12 -12.03 11.52
C LYS A 190 -27.18 -13.18 11.16
N ALA A 191 -27.50 -14.40 11.56
CA ALA A 191 -26.68 -15.58 11.20
C ALA A 191 -26.54 -15.64 9.68
N VAL A 192 -25.31 -15.88 9.23
CA VAL A 192 -24.90 -15.89 7.79
C VAL A 192 -25.90 -16.74 6.97
N ARG A 193 -26.20 -17.95 7.43
CA ARG A 193 -27.00 -18.99 6.72
C ARG A 193 -28.45 -18.54 6.51
N ALA A 194 -28.88 -17.44 7.13
CA ALA A 194 -30.26 -16.90 7.00
C ALA A 194 -30.36 -15.88 5.86
N LEU A 195 -29.23 -15.54 5.22
CA LEU A 195 -29.22 -14.57 4.08
C LEU A 195 -28.94 -15.32 2.75
N THR A 196 -29.45 -14.75 1.67
CA THR A 196 -28.93 -14.95 0.30
C THR A 196 -27.80 -13.95 0.07
N MET A 197 -26.56 -14.41 -0.03
CA MET A 197 -25.39 -13.57 -0.35
C MET A 197 -25.49 -13.10 -1.80
N PRO A 198 -25.20 -11.84 -2.15
CA PRO A 198 -25.19 -11.45 -3.54
C PRO A 198 -23.87 -11.98 -4.10
N GLY A 199 -23.82 -12.07 -5.43
CA GLY A 199 -22.55 -12.14 -6.21
C GLY A 199 -21.82 -10.80 -6.22
N PHE A 200 -20.67 -10.82 -6.90
CA PHE A 200 -19.89 -9.63 -7.33
C PHE A 200 -20.82 -8.65 -8.01
N HIS A 201 -20.83 -7.40 -7.58
CA HIS A 201 -21.65 -6.36 -8.24
C HIS A 201 -21.02 -5.02 -7.94
N PHE A 202 -21.65 -3.95 -8.39
CA PHE A 202 -21.16 -2.57 -8.18
C PHE A 202 -22.20 -1.80 -7.40
N THR A 203 -21.75 -0.81 -6.65
CA THR A 203 -22.63 0.20 -6.03
C THR A 203 -22.14 1.59 -6.41
N ASP A 204 -22.94 2.27 -7.21
CA ASP A 204 -22.83 3.69 -7.54
C ASP A 204 -23.20 4.47 -6.29
N ILE A 205 -22.34 5.41 -5.88
CA ILE A 205 -22.56 6.27 -4.69
C ILE A 205 -22.21 7.72 -5.04
N ARG A 206 -23.14 8.63 -4.74
CA ARG A 206 -22.90 10.02 -4.93
C ARG A 206 -23.20 10.78 -3.63
N LEU A 207 -22.15 11.06 -2.91
CA LEU A 207 -22.18 11.78 -1.62
C LEU A 207 -21.88 13.26 -1.86
N GLN A 208 -22.85 14.11 -1.53
CA GLN A 208 -22.78 15.57 -1.72
C GLN A 208 -22.90 16.23 -0.35
N MET A 209 -22.10 17.26 -0.09
CA MET A 209 -22.28 18.14 1.11
C MET A 209 -23.09 19.35 0.64
N LEU A 210 -24.35 19.46 1.06
CA LEU A 210 -25.27 20.53 0.57
C LEU A 210 -25.05 21.84 1.33
N ARG A 211 -24.47 21.78 2.52
CA ARG A 211 -24.36 22.94 3.42
C ARG A 211 -23.24 22.67 4.43
N LYS A 212 -22.44 23.69 4.72
CA LYS A 212 -21.52 23.67 5.89
C LYS A 212 -21.51 25.06 6.56
N GLU A 213 -21.14 25.07 7.84
CA GLU A 213 -21.21 26.25 8.72
C GLU A 213 -20.23 26.05 9.88
N LYS A 214 -19.28 26.96 10.01
CA LYS A 214 -18.46 27.13 11.23
C LYS A 214 -17.64 25.87 11.48
N ASP A 215 -17.51 25.01 10.46
CA ASP A 215 -16.82 23.70 10.60
C ASP A 215 -17.38 23.01 11.86
N GLU A 216 -18.69 23.12 12.13
CA GLU A 216 -19.38 22.40 13.25
C GLU A 216 -20.78 21.87 12.85
N TYR A 217 -21.30 22.25 11.68
CA TYR A 217 -22.62 21.87 11.15
C TYR A 217 -22.53 21.58 9.64
N PHE A 218 -23.15 20.49 9.22
CA PHE A 218 -23.00 19.91 7.87
C PHE A 218 -24.28 19.20 7.50
N GLU A 219 -24.70 19.34 6.24
CA GLU A 219 -25.79 18.54 5.63
C GLU A 219 -25.21 17.74 4.48
N LEU A 220 -25.42 16.43 4.51
CA LEU A 220 -25.06 15.44 3.47
C LEU A 220 -26.31 14.98 2.73
N TYR A 221 -26.22 14.77 1.43
CA TYR A 221 -27.24 14.06 0.63
C TYR A 221 -26.52 12.91 -0.07
N GLU A 222 -27.12 11.74 -0.10
CA GLU A 222 -26.49 10.59 -0.78
C GLU A 222 -27.53 9.81 -1.59
N ALA A 223 -27.10 9.33 -2.75
CA ALA A 223 -27.83 8.35 -3.59
C ALA A 223 -26.89 7.18 -3.90
N SER A 224 -27.43 5.95 -3.98
CA SER A 224 -26.69 4.68 -4.13
C SER A 224 -27.56 3.76 -4.98
N VAL A 225 -26.94 3.09 -5.95
CA VAL A 225 -27.61 2.09 -6.82
C VAL A 225 -26.70 0.88 -6.95
N ALA A 226 -27.23 -0.29 -6.63
CA ALA A 226 -26.57 -1.58 -6.79
C ALA A 226 -26.91 -2.14 -8.18
N ARG A 227 -25.90 -2.61 -8.91
CA ARG A 227 -26.07 -2.95 -10.35
C ARG A 227 -24.89 -3.78 -10.83
N TYR A 228 -25.09 -4.40 -11.99
CA TYR A 228 -24.07 -5.11 -12.80
C TYR A 228 -23.42 -4.04 -13.69
N SER A 229 -22.30 -4.36 -14.35
CA SER A 229 -21.72 -3.55 -15.45
C SER A 229 -22.77 -3.21 -16.53
N ASP A 230 -22.73 -1.96 -17.02
CA ASP A 230 -23.54 -1.42 -18.14
C ASP A 230 -23.04 -2.07 -19.45
N LEU A 231 -21.83 -2.64 -19.46
CA LEU A 231 -21.19 -3.20 -20.68
C LEU A 231 -21.70 -4.60 -20.95
N PRO A 232 -22.06 -4.89 -22.22
CA PRO A 232 -22.36 -6.26 -22.62
C PRO A 232 -21.12 -7.16 -22.62
N GLU A 233 -21.41 -8.42 -22.30
CA GLU A 233 -20.59 -9.65 -22.39
C GLU A 233 -20.70 -10.19 -23.82
N LYS A 234 -19.58 -10.36 -24.54
CA LYS A 234 -19.55 -11.12 -25.83
C LYS A 234 -19.64 -12.63 -25.55
N ALA A 235 -20.13 -13.42 -26.53
CA ALA A 235 -20.47 -14.87 -26.42
C ALA A 235 -19.38 -15.67 -25.68
N GLY B 14 -8.68 12.05 -41.25
CA GLY B 14 -9.02 10.58 -41.21
C GLY B 14 -7.84 9.74 -40.76
N LEU B 15 -7.05 10.25 -39.81
CA LEU B 15 -5.94 9.54 -39.15
C LEU B 15 -6.41 8.18 -38.64
N LEU B 16 -7.48 8.17 -37.86
CA LEU B 16 -7.98 6.95 -37.20
C LEU B 16 -9.18 6.47 -38.00
N LYS B 17 -9.12 5.23 -38.46
CA LYS B 17 -10.20 4.66 -39.28
C LYS B 17 -11.19 3.92 -38.39
N GLU B 18 -12.39 3.70 -38.93
CA GLU B 18 -13.45 2.84 -38.36
C GLU B 18 -12.90 1.44 -38.07
N SER B 19 -12.00 0.93 -38.92
CA SER B 19 -11.28 -0.36 -38.72
C SER B 19 -9.77 -0.08 -38.65
N MET B 20 -9.15 -0.45 -37.54
CA MET B 20 -7.70 -0.27 -37.31
C MET B 20 -7.11 -1.65 -37.05
N ARG B 21 -5.89 -1.87 -37.48
CA ARG B 21 -5.09 -3.09 -37.22
C ARG B 21 -4.21 -2.80 -36.00
N ILE B 22 -3.84 -3.84 -35.27
CA ILE B 22 -2.95 -3.65 -34.10
C ILE B 22 -1.83 -4.66 -34.20
N LYS B 23 -0.63 -4.25 -33.81
CA LYS B 23 0.48 -5.18 -33.61
C LYS B 23 1.12 -4.88 -32.26
N MET B 24 1.32 -5.91 -31.46
CA MET B 24 1.98 -5.68 -30.17
C MET B 24 3.29 -6.45 -30.08
N TYR B 25 4.31 -5.82 -29.52
CA TYR B 25 5.51 -6.54 -29.03
C TYR B 25 5.57 -6.37 -27.51
N MET B 26 5.75 -7.49 -26.80
CA MET B 26 5.78 -7.53 -25.33
C MET B 26 7.01 -8.35 -24.91
N GLU B 27 7.78 -7.80 -24.00
CA GLU B 27 8.92 -8.49 -23.39
C GLU B 27 8.79 -8.36 -21.87
N GLY B 28 9.12 -9.38 -21.11
CA GLY B 28 9.19 -9.16 -19.67
C GLY B 28 9.62 -10.36 -18.88
N THR B 29 9.67 -10.16 -17.56
CA THR B 29 10.01 -11.18 -16.53
CA THR B 29 9.96 -11.23 -16.57
C THR B 29 9.07 -11.01 -15.33
N VAL B 30 8.49 -12.13 -14.90
CA VAL B 30 7.57 -12.27 -13.73
C VAL B 30 8.23 -13.34 -12.84
N ASN B 31 8.60 -12.99 -11.62
CA ASN B 31 9.14 -13.99 -10.65
C ASN B 31 10.32 -14.74 -11.32
N GLY B 32 11.15 -14.07 -12.11
CA GLY B 32 12.35 -14.71 -12.70
C GLY B 32 12.15 -15.27 -14.13
N HIS B 33 10.91 -15.51 -14.54
CA HIS B 33 10.65 -16.17 -15.84
C HIS B 33 10.65 -15.11 -16.93
N TYR B 34 11.64 -15.16 -17.82
CA TYR B 34 11.70 -14.27 -18.99
C TYR B 34 10.76 -14.80 -20.10
N PHE B 35 10.07 -13.92 -20.79
CA PHE B 35 9.26 -14.26 -21.97
C PHE B 35 9.11 -13.05 -22.91
N LYS B 36 8.74 -13.34 -24.16
CA LYS B 36 8.26 -12.37 -25.14
C LYS B 36 6.94 -12.88 -25.68
N CYS B 37 6.08 -11.96 -26.08
CA CYS B 37 4.77 -12.22 -26.69
C CYS B 37 4.64 -11.32 -27.91
N GLU B 38 3.86 -11.76 -28.89
CA GLU B 38 3.41 -10.87 -29.97
C GLU B 38 1.89 -10.93 -30.10
N GLY B 39 1.29 -9.80 -30.44
CA GLY B 39 -0.16 -9.71 -30.63
C GLY B 39 -0.49 -9.21 -32.01
N GLU B 40 -1.57 -9.71 -32.59
CA GLU B 40 -2.15 -9.12 -33.81
C GLU B 40 -3.62 -8.92 -33.46
N GLY B 41 -4.13 -7.76 -33.82
CA GLY B 41 -5.48 -7.36 -33.45
C GLY B 41 -6.08 -6.44 -34.45
N ASP B 42 -7.31 -6.07 -34.16
CA ASP B 42 -8.09 -5.11 -34.96
C ASP B 42 -9.18 -4.54 -34.07
N GLY B 43 -9.73 -3.39 -34.41
CA GLY B 43 -10.87 -2.87 -33.66
C GLY B 43 -11.46 -1.68 -34.35
N ASN B 44 -12.60 -1.28 -33.80
CA ASN B 44 -13.28 0.00 -34.08
C ASN B 44 -13.06 0.92 -32.89
N PRO B 45 -12.16 1.91 -33.01
CA PRO B 45 -11.81 2.76 -31.87
C PRO B 45 -12.92 3.74 -31.46
N PHE B 46 -13.90 3.95 -32.33
CA PHE B 46 -15.06 4.84 -32.05
C PHE B 46 -16.11 4.00 -31.30
N ALA B 47 -16.32 2.73 -31.66
CA ALA B 47 -17.25 1.80 -31.00
C ALA B 47 -16.65 1.35 -29.68
N GLY B 48 -15.34 1.48 -29.52
CA GLY B 48 -14.68 1.07 -28.27
C GLY B 48 -14.58 -0.44 -28.14
N THR B 49 -14.55 -1.16 -29.27
CA THR B 49 -14.44 -2.64 -29.31
C THR B 49 -13.18 -3.00 -30.06
N GLN B 50 -12.52 -4.06 -29.61
CA GLN B 50 -11.23 -4.54 -30.16
C GLN B 50 -10.98 -5.98 -29.71
N SER B 51 -10.11 -6.67 -30.43
CA SER B 51 -9.75 -8.08 -30.17
C SER B 51 -8.26 -8.23 -30.43
N MET B 52 -7.69 -9.31 -29.91
CA MET B 52 -6.24 -9.56 -30.08
C MET B 52 -5.98 -11.08 -29.92
N ARG B 53 -5.21 -11.63 -30.87
CA ARG B 53 -4.51 -12.92 -30.85
C ARG B 53 -3.12 -12.67 -30.28
N ILE B 54 -2.71 -13.43 -29.25
CA ILE B 54 -1.36 -13.30 -28.64
C ILE B 54 -0.67 -14.67 -28.69
N HIS B 55 0.57 -14.70 -29.17
CA HIS B 55 1.47 -15.87 -29.18
C HIS B 55 2.65 -15.57 -28.25
N VAL B 56 2.94 -16.50 -27.36
CA VAL B 56 4.21 -16.43 -26.58
C VAL B 56 5.33 -16.87 -27.52
N THR B 57 6.24 -15.96 -27.88
CA THR B 57 7.34 -16.25 -28.85
C THR B 57 8.55 -16.80 -28.11
N GLU B 58 8.62 -16.63 -26.79
CA GLU B 58 9.76 -17.05 -25.94
C GLU B 58 9.28 -17.25 -24.50
N GLY B 59 9.84 -18.24 -23.81
CA GLY B 59 9.47 -18.59 -22.42
C GLY B 59 8.15 -19.33 -22.34
N ALA B 60 7.74 -19.96 -23.43
CA ALA B 60 6.55 -20.82 -23.41
C ALA B 60 6.97 -22.20 -22.93
N PRO B 61 6.10 -22.96 -22.22
CA PRO B 61 4.82 -22.44 -21.71
C PRO B 61 4.95 -21.46 -20.53
N LEU B 62 4.10 -20.41 -20.49
CA LEU B 62 4.09 -19.45 -19.34
C LEU B 62 3.74 -20.21 -18.06
N PRO B 63 4.59 -20.16 -17.02
CA PRO B 63 4.28 -20.78 -15.73
C PRO B 63 3.48 -19.89 -14.77
N PHE B 64 2.65 -19.00 -15.28
CA PHE B 64 1.76 -18.17 -14.44
C PHE B 64 0.54 -17.78 -15.26
N ALA B 65 -0.47 -17.21 -14.62
CA ALA B 65 -1.72 -16.87 -15.34
C ALA B 65 -1.44 -15.71 -16.30
N PHE B 66 -1.71 -15.93 -17.59
CA PHE B 66 -1.66 -14.86 -18.63
C PHE B 66 -2.64 -13.73 -18.26
N ASP B 67 -3.61 -14.03 -17.40
CA ASP B 67 -4.56 -13.03 -16.82
C ASP B 67 -3.78 -11.76 -16.39
N ILE B 68 -2.58 -11.90 -15.83
CA ILE B 68 -1.86 -10.69 -15.30
C ILE B 68 -1.31 -9.87 -16.47
N LEU B 69 -1.20 -10.45 -17.67
CA LEU B 69 -0.61 -9.76 -18.85
C LEU B 69 -1.71 -9.19 -19.74
N ALA B 70 -2.93 -9.65 -19.63
CA ALA B 70 -4.03 -9.23 -20.54
C ALA B 70 -4.21 -7.72 -20.46
N PRO B 71 -4.33 -7.10 -19.28
CA PRO B 71 -4.44 -5.63 -19.19
C PRO B 71 -3.18 -4.88 -19.67
N CYS B 72 -2.08 -5.53 -20.07
CA CYS B 72 -0.91 -4.91 -20.76
C CYS B 72 -1.03 -4.95 -22.29
N CYS B 73 -1.99 -5.67 -22.78
CA CYS B 73 -2.17 -5.85 -24.23
C CYS B 73 -3.00 -4.73 -24.85
N SER B 75 -4.81 -0.74 -24.68
CA SER B 75 -5.23 -0.44 -26.00
C SER B 75 -6.32 0.62 -25.90
N ARG B 76 -5.90 1.78 -25.40
CA ARG B 76 -6.76 2.86 -24.88
C ARG B 76 -7.20 3.76 -26.03
N THR B 77 -6.72 3.53 -27.24
CA THR B 77 -7.26 4.22 -28.44
C THR B 77 -8.71 3.77 -28.67
N PHE B 78 -9.09 2.60 -28.17
CA PHE B 78 -10.39 1.93 -28.44
C PHE B 78 -11.37 2.14 -27.26
N VAL B 79 -11.94 3.34 -27.17
CA VAL B 79 -12.93 3.74 -26.14
C VAL B 79 -14.04 4.52 -26.82
N HIS B 80 -15.28 4.08 -26.64
CA HIS B 80 -16.49 4.85 -26.98
C HIS B 80 -16.55 6.03 -26.03
N HIS B 81 -16.51 7.25 -26.50
CA HIS B 81 -16.59 8.45 -25.63
C HIS B 81 -18.05 8.94 -25.63
N THR B 82 -18.70 8.94 -24.49
CA THR B 82 -20.04 9.56 -24.37
C THR B 82 -19.88 11.03 -23.97
N ALA B 83 -20.99 11.78 -24.08
CA ALA B 83 -21.27 13.06 -23.38
C ALA B 83 -20.18 14.08 -23.68
N GLU B 84 -19.72 14.07 -24.93
CA GLU B 84 -18.66 14.95 -25.49
C GLU B 84 -17.41 14.97 -24.61
N ILE B 85 -17.08 13.85 -23.93
CA ILE B 85 -15.82 13.79 -23.12
C ILE B 85 -14.62 13.85 -24.07
N PRO B 86 -13.71 14.84 -23.88
CA PRO B 86 -12.47 14.88 -24.64
C PRO B 86 -11.67 13.58 -24.54
N ASP B 87 -11.28 13.11 -25.72
CA ASP B 87 -10.52 11.85 -25.96
C ASP B 87 -9.03 12.19 -26.00
N PHE B 88 -8.40 12.08 -24.86
CA PHE B 88 -6.94 12.26 -24.67
C PHE B 88 -6.17 11.39 -25.66
N PHE B 89 -6.58 10.13 -25.77
CA PHE B 89 -5.90 9.10 -26.61
C PHE B 89 -6.05 9.47 -28.09
N LYS B 90 -7.26 9.68 -28.58
CA LYS B 90 -7.44 9.93 -30.04
C LYS B 90 -6.77 11.26 -30.41
N GLN B 91 -6.89 12.29 -29.58
CA GLN B 91 -6.26 13.60 -29.88
C GLN B 91 -4.73 13.46 -29.94
N SER B 92 -4.14 12.40 -29.40
CA SER B 92 -2.66 12.26 -29.29
C SER B 92 -1.98 11.96 -30.62
N PHE B 93 -2.72 11.39 -31.57
CA PHE B 93 -2.24 11.08 -32.95
C PHE B 93 -2.09 12.35 -33.77
N PRO B 94 -1.05 12.36 -34.66
CA PRO B 94 -0.29 11.15 -34.96
C PRO B 94 0.84 10.77 -34.01
N GLU B 95 1.26 11.66 -33.13
CA GLU B 95 2.46 11.39 -32.30
C GLU B 95 2.16 10.16 -31.43
N GLY B 96 0.93 10.02 -30.97
CA GLY B 96 0.52 8.92 -30.06
C GLY B 96 0.87 9.22 -28.61
N PHE B 97 1.05 8.15 -27.82
CA PHE B 97 1.08 8.29 -26.34
C PHE B 97 1.70 7.04 -25.73
N THR B 98 2.03 7.17 -24.45
CA THR B 98 2.54 6.09 -23.62
C THR B 98 1.63 5.93 -22.41
N TRP B 99 1.76 4.78 -21.78
CA TRP B 99 1.12 4.52 -20.48
C TRP B 99 2.16 3.79 -19.64
N GLU B 100 2.16 4.11 -18.37
CA GLU B 100 2.92 3.38 -17.35
C GLU B 100 1.95 3.00 -16.24
N ARG B 101 2.01 1.76 -15.81
CA ARG B 101 1.08 1.27 -14.78
C ARG B 101 1.82 0.38 -13.82
N THR B 102 1.56 0.52 -12.53
CA THR B 102 1.90 -0.51 -11.51
C THR B 102 0.59 -1.06 -10.98
N THR B 103 0.46 -2.38 -10.97
CA THR B 103 -0.70 -3.14 -10.44
C THR B 103 -0.23 -3.90 -9.19
N THR B 104 -0.78 -3.58 -8.02
CA THR B 104 -0.50 -4.29 -6.74
C THR B 104 -1.65 -5.28 -6.51
N TYR B 105 -1.30 -6.54 -6.32
CA TYR B 105 -2.26 -7.60 -5.94
C TYR B 105 -2.33 -7.70 -4.40
N GLU B 106 -3.51 -7.97 -3.86
CA GLU B 106 -3.69 -7.92 -2.38
C GLU B 106 -2.93 -9.10 -1.75
N ASP B 107 -2.55 -10.12 -2.54
CA ASP B 107 -1.77 -11.25 -1.99
C ASP B 107 -0.26 -11.12 -2.26
N GLY B 108 0.27 -9.98 -2.71
CA GLY B 108 1.73 -9.74 -2.69
C GLY B 108 2.34 -9.44 -4.04
N GLY B 109 1.74 -9.94 -5.11
CA GLY B 109 2.22 -9.64 -6.47
C GLY B 109 2.27 -8.14 -6.75
N ILE B 110 3.32 -7.68 -7.43
CA ILE B 110 3.32 -6.35 -8.11
C ILE B 110 3.58 -6.60 -9.58
N LEU B 111 2.77 -6.04 -10.46
CA LEU B 111 3.17 -5.98 -11.88
C LEU B 111 3.36 -4.53 -12.37
N THR B 112 4.56 -4.18 -12.86
CA THR B 112 4.87 -2.84 -13.41
C THR B 112 5.08 -2.92 -14.93
N ALA B 113 4.52 -2.00 -15.68
CA ALA B 113 4.55 -2.07 -17.15
C ALA B 113 4.65 -0.67 -17.76
N HIS B 114 5.44 -0.53 -18.82
CA HIS B 114 5.54 0.69 -19.69
C HIS B 114 5.20 0.29 -21.12
N GLN B 115 4.46 1.14 -21.79
CA GLN B 115 3.93 0.85 -23.12
C GLN B 115 4.10 2.09 -23.97
N ASP B 116 4.51 1.89 -25.21
CA ASP B 116 4.52 2.91 -26.27
C ASP B 116 3.49 2.49 -27.29
N THR B 117 2.64 3.44 -27.65
CA THR B 117 1.66 3.37 -28.77
C THR B 117 2.02 4.35 -29.89
N SER B 118 2.27 3.83 -31.09
N SER B 118 2.18 3.80 -31.10
CA SER B 118 2.52 4.66 -32.30
CA SER B 118 2.56 4.54 -32.32
C SER B 118 1.55 4.24 -33.41
C SER B 118 1.58 4.19 -33.44
N LEU B 119 1.56 5.02 -34.49
CA LEU B 119 0.62 4.90 -35.62
C LEU B 119 1.42 4.89 -36.91
N GLU B 120 1.07 4.02 -37.84
CA GLU B 120 1.52 4.09 -39.24
C GLU B 120 0.37 3.67 -40.12
N GLY B 121 -0.19 4.60 -40.89
CA GLY B 121 -1.39 4.35 -41.70
C GLY B 121 -2.51 3.90 -40.78
N ASN B 122 -2.93 2.64 -40.93
CA ASN B 122 -3.97 2.04 -40.07
C ASN B 122 -3.39 0.96 -39.13
N CYS B 123 -2.08 0.86 -38.92
CA CYS B 123 -1.49 -0.04 -37.88
C CYS B 123 -1.22 0.81 -36.63
N LEU B 124 -1.79 0.40 -35.51
CA LEU B 124 -1.33 0.83 -34.16
C LEU B 124 -0.24 -0.16 -33.73
N ILE B 125 0.93 0.36 -33.35
CA ILE B 125 2.07 -0.46 -32.88
C ILE B 125 2.23 -0.20 -31.39
N TYR B 126 2.09 -1.29 -30.63
CA TYR B 126 2.25 -1.40 -29.17
C TYR B 126 3.61 -2.05 -28.84
N LYS B 127 4.40 -1.41 -27.99
CA LYS B 127 5.65 -1.96 -27.44
C LYS B 127 5.52 -1.90 -25.93
N VAL B 128 5.59 -3.04 -25.27
CA VAL B 128 5.28 -3.18 -23.83
C VAL B 128 6.47 -3.84 -23.17
N LYS B 129 6.93 -3.27 -22.07
CA LYS B 129 7.90 -3.93 -21.16
C LYS B 129 7.19 -4.17 -19.84
N VAL B 130 7.31 -5.38 -19.29
CA VAL B 130 6.58 -5.85 -18.08
C VAL B 130 7.62 -6.35 -17.10
N LEU B 131 7.49 -6.00 -15.82
CA LEU B 131 8.29 -6.61 -14.71
C LEU B 131 7.32 -6.99 -13.61
N GLY B 132 7.20 -8.29 -13.33
CA GLY B 132 6.41 -8.83 -12.22
C GLY B 132 7.29 -9.22 -11.05
N THR B 133 6.94 -8.84 -9.81
CA THR B 133 7.75 -9.21 -8.62
CA THR B 133 7.72 -9.06 -8.56
C THR B 133 6.86 -9.74 -7.50
N ASN B 134 7.43 -10.68 -6.76
CA ASN B 134 6.95 -11.16 -5.45
C ASN B 134 5.55 -11.77 -5.54
N PHE B 135 5.13 -12.25 -6.70
CA PHE B 135 3.95 -13.14 -6.75
C PHE B 135 4.20 -14.32 -5.80
N PRO B 136 3.27 -14.65 -4.90
CA PRO B 136 3.46 -15.79 -4.01
C PRO B 136 3.38 -17.10 -4.79
N ALA B 137 4.36 -17.97 -4.51
CA ALA B 137 4.49 -19.29 -5.14
C ALA B 137 3.15 -20.04 -5.09
N ASP B 138 2.38 -19.92 -3.99
CA ASP B 138 1.17 -20.74 -3.68
C ASP B 138 -0.11 -20.02 -4.14
N GLY B 139 0.01 -18.79 -4.65
CA GLY B 139 -1.17 -18.00 -5.06
C GLY B 139 -1.69 -18.39 -6.43
N PRO B 140 -2.89 -17.92 -6.78
CA PRO B 140 -3.54 -18.34 -8.02
C PRO B 140 -2.84 -17.96 -9.32
N VAL B 141 -2.03 -16.89 -9.30
CA VAL B 141 -1.30 -16.40 -10.53
C VAL B 141 -0.16 -17.38 -10.84
N MET B 142 0.73 -17.67 -9.88
CA MET B 142 1.92 -18.55 -10.11
C MET B 142 1.48 -20.02 -10.28
N LYS B 143 0.33 -20.39 -9.72
CA LYS B 143 -0.28 -21.74 -9.90
C LYS B 143 -1.16 -21.71 -11.14
N ASN B 144 -1.44 -20.54 -11.71
CA ASN B 144 -2.23 -20.51 -12.97
C ASN B 144 -3.62 -21.08 -12.69
N LYS B 145 -4.32 -20.54 -11.73
CA LYS B 145 -5.67 -21.01 -11.34
C LYS B 145 -6.67 -19.88 -11.52
N SER B 146 -6.30 -18.75 -12.13
CA SER B 146 -7.25 -17.65 -12.31
C SER B 146 -8.15 -17.96 -13.51
N GLY B 147 -9.33 -17.35 -13.57
CA GLY B 147 -10.34 -17.57 -14.62
C GLY B 147 -10.86 -16.29 -15.25
N GLY B 148 -9.99 -15.27 -15.32
CA GLY B 148 -10.25 -14.01 -16.04
C GLY B 148 -10.68 -12.90 -15.11
N TRP B 149 -11.05 -11.74 -15.67
CA TRP B 149 -11.33 -10.47 -14.95
C TRP B 149 -12.82 -10.22 -14.90
N GLU B 150 -13.25 -9.65 -13.80
CA GLU B 150 -14.58 -9.01 -13.74
C GLU B 150 -14.44 -7.76 -14.61
N PRO B 151 -15.58 -7.25 -15.12
CA PRO B 151 -15.56 -5.94 -15.72
C PRO B 151 -15.27 -4.97 -14.56
N SER B 152 -14.84 -3.78 -14.96
CA SER B 152 -14.12 -2.78 -14.16
C SER B 152 -14.62 -1.40 -14.57
N THR B 153 -14.43 -0.40 -13.72
CA THR B 153 -14.59 1.03 -14.10
C THR B 153 -13.34 1.81 -13.69
N GLU B 154 -12.61 2.40 -14.62
CA GLU B 154 -11.33 3.14 -14.31
C GLU B 154 -11.70 4.58 -13.94
N VAL B 155 -11.08 5.13 -12.92
CA VAL B 155 -11.16 6.57 -12.60
C VAL B 155 -10.00 7.28 -13.33
N VAL B 156 -10.37 8.26 -14.18
CA VAL B 156 -9.47 9.02 -15.12
CA VAL B 156 -9.40 9.03 -15.04
C VAL B 156 -9.60 10.51 -14.81
N TYR B 157 -8.51 11.22 -14.57
CA TYR B 157 -8.52 12.64 -14.15
C TYR B 157 -7.20 13.28 -14.53
N PRO B 158 -7.21 14.57 -14.92
CA PRO B 158 -5.99 15.23 -15.36
C PRO B 158 -5.15 15.64 -14.15
N GLU B 159 -3.83 15.64 -14.37
CA GLU B 159 -2.79 16.21 -13.49
C GLU B 159 -1.72 16.88 -14.37
N ASN B 160 -1.85 18.20 -14.61
CA ASN B 160 -0.90 19.03 -15.40
C ASN B 160 -0.44 18.33 -16.70
N GLY B 161 -1.37 18.11 -17.64
CA GLY B 161 -1.07 17.56 -18.96
C GLY B 161 -0.98 16.04 -18.96
N VAL B 162 -0.87 15.39 -17.79
CA VAL B 162 -0.81 13.91 -17.68
C VAL B 162 -2.19 13.41 -17.32
N LEU B 163 -2.65 12.34 -17.96
CA LEU B 163 -3.94 11.71 -17.61
C LEU B 163 -3.61 10.57 -16.66
N CYS B 164 -4.19 10.61 -15.46
CA CYS B 164 -4.02 9.59 -14.39
C CYS B 164 -5.24 8.68 -14.36
N GLY B 165 -5.00 7.39 -14.09
CA GLY B 165 -6.00 6.32 -14.02
C GLY B 165 -5.84 5.55 -12.73
N ARG B 166 -6.95 5.25 -12.08
CA ARG B 166 -6.95 4.46 -10.82
C ARG B 166 -8.05 3.42 -11.00
N ASN B 167 -7.81 2.21 -10.54
CA ASN B 167 -8.76 1.10 -10.77
C ASN B 167 -8.63 0.06 -9.65
N VAL B 168 -9.77 -0.51 -9.27
CA VAL B 168 -9.86 -1.80 -8.53
C VAL B 168 -10.27 -2.83 -9.56
N MET B 169 -9.49 -3.86 -9.75
CA MET B 169 -9.91 -4.97 -10.60
C MET B 169 -9.97 -6.24 -9.75
N ALA B 170 -10.81 -7.15 -10.19
CA ALA B 170 -11.14 -8.39 -9.48
C ALA B 170 -10.80 -9.59 -10.39
N LEU B 171 -9.86 -10.43 -9.94
CA LEU B 171 -9.43 -11.63 -10.68
C LEU B 171 -10.28 -12.79 -10.18
N LYS B 172 -11.00 -13.47 -11.09
CA LYS B 172 -11.82 -14.67 -10.76
C LYS B 172 -10.93 -15.84 -10.37
N VAL B 173 -11.20 -16.44 -9.21
CA VAL B 173 -10.50 -17.67 -8.70
C VAL B 173 -11.60 -18.59 -8.15
N GLY B 174 -12.24 -19.35 -9.05
CA GLY B 174 -13.52 -20.01 -8.77
C GLY B 174 -14.52 -18.99 -8.24
N ASP B 175 -14.97 -19.16 -6.99
CA ASP B 175 -16.05 -18.29 -6.43
C ASP B 175 -15.42 -17.18 -5.54
N ARG B 176 -14.10 -17.14 -5.42
CA ARG B 176 -13.38 -16.03 -4.76
C ARG B 176 -12.88 -15.00 -5.78
N ARG B 177 -12.43 -13.88 -5.25
CA ARG B 177 -11.95 -12.71 -6.02
C ARG B 177 -10.65 -12.22 -5.40
N LEU B 178 -9.57 -12.26 -6.19
CA LEU B 178 -8.28 -11.68 -5.80
C LEU B 178 -8.28 -10.23 -6.28
N ILE B 179 -8.28 -9.26 -5.37
CA ILE B 179 -8.38 -7.82 -5.77
C ILE B 179 -6.98 -7.33 -6.13
N CYS B 180 -6.88 -6.50 -7.16
CA CYS B 180 -5.65 -5.71 -7.41
C CYS B 180 -5.98 -4.25 -7.69
N HIS B 181 -4.95 -3.41 -7.61
CA HIS B 181 -5.08 -1.92 -7.67
C HIS B 181 -4.17 -1.39 -8.79
N HIS B 182 -4.76 -0.70 -9.76
CA HIS B 182 -4.05 -0.04 -10.88
C HIS B 182 -3.64 1.38 -10.53
N TYR B 183 -2.42 1.76 -10.86
CA TYR B 183 -1.91 3.14 -10.73
C TYR B 183 -1.29 3.46 -12.09
N THR B 184 -1.98 4.27 -12.87
CA THR B 184 -1.64 4.44 -14.31
C THR B 184 -1.37 5.92 -14.60
N SER B 185 -0.34 6.19 -15.39
CA SER B 185 -0.09 7.52 -15.98
C SER B 185 -0.08 7.42 -17.52
N TYR B 186 -0.95 8.18 -18.18
CA TYR B 186 -1.00 8.30 -19.66
C TYR B 186 -0.35 9.64 -20.05
N ARG B 187 0.74 9.59 -20.83
CA ARG B 187 1.55 10.75 -21.32
C ARG B 187 1.41 10.84 -22.83
N SER B 188 0.96 11.99 -23.33
CA SER B 188 0.86 12.29 -24.78
C SER B 188 2.27 12.57 -25.31
N LYS B 189 2.57 12.12 -26.52
CA LYS B 189 3.82 12.52 -27.20
C LYS B 189 3.51 13.79 -28.02
N LYS B 190 2.24 14.20 -28.07
CA LYS B 190 1.76 15.48 -28.66
C LYS B 190 1.96 16.60 -27.63
N ALA B 191 2.30 17.80 -28.08
CA ALA B 191 2.34 19.04 -27.26
C ALA B 191 1.03 19.17 -26.48
N VAL B 192 1.15 19.32 -25.16
CA VAL B 192 0.05 19.57 -24.19
C VAL B 192 -0.95 20.56 -24.80
N ARG B 193 -0.48 21.70 -25.33
CA ARG B 193 -1.36 22.84 -25.74
C ARG B 193 -2.17 22.46 -26.98
N ALA B 194 -1.78 21.42 -27.72
CA ALA B 194 -2.56 20.94 -28.89
C ALA B 194 -3.73 20.05 -28.43
N LEU B 195 -3.86 19.74 -27.13
CA LEU B 195 -4.91 18.83 -26.59
C LEU B 195 -5.96 19.63 -25.78
N THR B 196 -7.23 19.34 -25.94
CA THR B 196 -8.24 19.60 -24.89
C THR B 196 -8.22 18.46 -23.87
N MET B 197 -7.64 18.71 -22.69
CA MET B 197 -7.64 17.75 -21.57
C MET B 197 -9.08 17.58 -21.11
N PRO B 198 -9.52 16.34 -20.86
CA PRO B 198 -10.82 16.08 -20.27
C PRO B 198 -10.75 16.38 -18.77
N GLY B 199 -11.90 16.49 -18.12
CA GLY B 199 -11.92 16.51 -16.66
C GLY B 199 -12.08 15.11 -16.12
N PHE B 200 -12.39 15.02 -14.83
CA PHE B 200 -12.54 13.74 -14.11
C PHE B 200 -13.67 12.94 -14.76
N HIS B 201 -13.49 11.63 -14.98
CA HIS B 201 -14.56 10.79 -15.56
C HIS B 201 -14.18 9.32 -15.39
N PHE B 202 -15.07 8.44 -15.86
CA PHE B 202 -14.97 6.97 -15.71
C PHE B 202 -14.78 6.32 -17.10
N THR B 203 -14.13 5.16 -17.11
CA THR B 203 -14.00 4.30 -18.30
C THR B 203 -14.39 2.89 -17.85
N ASP B 204 -15.57 2.43 -18.28
CA ASP B 204 -16.00 1.03 -18.11
C ASP B 204 -15.17 0.24 -19.09
N ILE B 205 -14.51 -0.81 -18.62
CA ILE B 205 -13.73 -1.78 -19.44
C ILE B 205 -14.23 -3.18 -19.07
N ARG B 206 -14.55 -4.00 -20.07
CA ARG B 206 -14.72 -5.44 -19.91
C ARG B 206 -13.68 -6.17 -20.76
N LEU B 207 -12.67 -6.71 -20.10
CA LEU B 207 -11.63 -7.56 -20.73
C LEU B 207 -12.03 -9.04 -20.64
N GLN B 208 -12.18 -9.70 -21.79
CA GLN B 208 -12.58 -11.12 -21.89
C GLN B 208 -11.48 -11.93 -22.56
N MET B 209 -11.17 -13.09 -22.00
CA MET B 209 -10.31 -14.09 -22.63
C MET B 209 -11.21 -15.16 -23.28
N LEU B 210 -11.32 -15.07 -24.61
CA LEU B 210 -12.18 -15.92 -25.45
C LEU B 210 -11.60 -17.32 -25.61
N ARG B 211 -10.27 -17.48 -25.69
CA ARG B 211 -9.60 -18.81 -25.77
C ARG B 211 -8.19 -18.75 -25.19
N LYS B 212 -7.68 -19.90 -24.72
CA LYS B 212 -6.27 -20.11 -24.35
C LYS B 212 -5.88 -21.55 -24.70
N GLU B 213 -4.59 -21.78 -24.96
CA GLU B 213 -4.07 -23.02 -25.57
C GLU B 213 -2.63 -23.19 -25.08
N LYS B 214 -2.44 -24.13 -24.15
CA LYS B 214 -1.15 -24.63 -23.60
C LYS B 214 -0.27 -23.47 -23.16
N ASP B 215 -0.86 -22.45 -22.57
CA ASP B 215 -0.15 -21.29 -21.95
C ASP B 215 0.79 -20.63 -22.95
N GLU B 216 0.38 -20.57 -24.22
CA GLU B 216 1.22 -20.24 -25.40
C GLU B 216 0.48 -19.34 -26.37
N TYR B 217 -0.83 -19.50 -26.44
CA TYR B 217 -1.70 -18.81 -27.43
C TYR B 217 -2.97 -18.39 -26.69
N PHE B 218 -3.44 -17.17 -26.97
CA PHE B 218 -4.53 -16.48 -26.21
C PHE B 218 -5.31 -15.58 -27.16
N GLU B 219 -6.63 -15.52 -26.98
CA GLU B 219 -7.52 -14.55 -27.66
C GLU B 219 -8.25 -13.71 -26.62
N LEU B 220 -8.20 -12.39 -26.85
CA LEU B 220 -8.82 -11.34 -26.01
C LEU B 220 -9.81 -10.56 -26.85
N TYR B 221 -10.85 -10.11 -26.18
CA TYR B 221 -11.80 -9.12 -26.69
C TYR B 221 -12.02 -8.13 -25.57
N GLU B 222 -12.11 -6.86 -25.95
CA GLU B 222 -12.32 -5.81 -24.98
C GLU B 222 -13.26 -4.76 -25.54
N ALA B 223 -14.13 -4.29 -24.66
CA ALA B 223 -15.00 -3.11 -24.86
C ALA B 223 -14.73 -2.08 -23.76
N SER B 224 -14.67 -0.80 -24.14
CA SER B 224 -14.38 0.33 -23.26
C SER B 224 -15.33 1.46 -23.60
N VAL B 225 -15.85 2.12 -22.56
CA VAL B 225 -16.81 3.26 -22.63
C VAL B 225 -16.36 4.31 -21.60
N ALA B 226 -16.15 5.54 -22.05
CA ALA B 226 -15.84 6.71 -21.24
C ALA B 226 -17.14 7.45 -20.96
N ARG B 227 -17.41 7.75 -19.70
CA ARG B 227 -18.71 8.34 -19.32
C ARG B 227 -18.60 9.09 -18.00
N TYR B 228 -19.68 9.79 -17.65
CA TYR B 228 -19.93 10.38 -16.31
C TYR B 228 -20.71 9.39 -15.45
N SER B 229 -20.84 9.68 -14.17
CA SER B 229 -21.69 8.86 -13.28
C SER B 229 -23.11 8.91 -13.84
N ASP B 230 -23.78 7.76 -13.80
CA ASP B 230 -25.16 7.62 -14.30
C ASP B 230 -26.11 8.15 -13.20
N LEU B 231 -25.59 8.56 -12.03
CA LEU B 231 -26.38 9.06 -10.87
C LEU B 231 -26.66 10.54 -11.02
N PRO B 232 -27.91 11.04 -10.85
CA PRO B 232 -28.18 12.46 -10.93
C PRO B 232 -27.48 13.16 -9.74
N GLU B 233 -26.89 14.31 -10.02
CA GLU B 233 -26.40 15.29 -9.03
C GLU B 233 -27.61 16.09 -8.54
N LYS B 234 -27.77 16.27 -7.22
CA LYS B 234 -28.85 17.14 -6.67
C LYS B 234 -28.38 18.60 -6.68
N ALA B 235 -29.28 19.54 -6.39
CA ALA B 235 -28.97 21.00 -6.26
C ALA B 235 -29.43 21.49 -4.89
N GLY C 14 39.48 -18.27 -4.29
CA GLY C 14 38.66 -19.44 -4.75
C GLY C 14 37.88 -19.13 -6.03
N LEU C 15 36.54 -19.16 -5.94
CA LEU C 15 35.63 -18.63 -6.98
C LEU C 15 35.52 -17.12 -6.79
N LEU C 16 35.35 -16.68 -5.53
CA LEU C 16 35.33 -15.26 -5.16
C LEU C 16 36.65 -14.94 -4.49
N LYS C 17 37.35 -13.96 -5.03
CA LYS C 17 38.65 -13.48 -4.53
C LYS C 17 38.35 -12.34 -3.57
N GLU C 18 39.32 -11.96 -2.75
CA GLU C 18 39.14 -10.84 -1.80
C GLU C 18 39.18 -9.49 -2.55
N SER C 19 39.62 -9.47 -3.79
CA SER C 19 39.38 -8.34 -4.73
C SER C 19 38.60 -8.84 -5.97
N MET C 20 37.44 -8.24 -6.24
CA MET C 20 36.58 -8.52 -7.43
C MET C 20 36.39 -7.23 -8.20
N ARG C 21 36.18 -7.38 -9.50
CA ARG C 21 35.72 -6.28 -10.38
C ARG C 21 34.21 -6.51 -10.65
N ILE C 22 33.52 -5.44 -11.07
CA ILE C 22 32.06 -5.44 -11.34
C ILE C 22 31.84 -4.73 -12.66
N LYS C 23 31.03 -5.32 -13.52
CA LYS C 23 30.52 -4.62 -14.72
C LYS C 23 29.00 -4.62 -14.63
N MET C 24 28.43 -3.43 -14.70
CA MET C 24 26.96 -3.26 -14.65
C MET C 24 26.50 -2.66 -15.98
N TYR C 25 25.44 -3.25 -16.55
CA TYR C 25 24.59 -2.70 -17.65
C TYR C 25 23.16 -2.50 -17.11
N MET C 26 22.64 -1.30 -17.24
CA MET C 26 21.27 -0.98 -16.81
C MET C 26 20.55 -0.31 -17.99
N GLU C 27 19.29 -0.66 -18.14
CA GLU C 27 18.34 -0.08 -19.13
C GLU C 27 17.07 0.24 -18.35
N GLY C 28 16.42 1.38 -18.59
CA GLY C 28 15.08 1.57 -18.02
C GLY C 28 14.35 2.82 -18.43
N THR C 29 13.14 2.93 -17.90
CA THR C 29 12.25 4.08 -18.13
C THR C 29 11.65 4.54 -16.81
N VAL C 30 11.70 5.84 -16.54
CA VAL C 30 11.17 6.46 -15.30
C VAL C 30 10.35 7.64 -15.76
N ASN C 31 9.05 7.58 -15.55
CA ASN C 31 8.14 8.69 -15.95
C ASN C 31 8.32 8.99 -17.46
N GLY C 32 8.65 7.96 -18.22
CA GLY C 32 8.66 8.00 -19.69
C GLY C 32 10.02 8.39 -20.25
N HIS C 33 10.98 8.68 -19.37
CA HIS C 33 12.37 9.08 -19.70
C HIS C 33 13.20 7.80 -19.79
N TYR C 34 13.51 7.39 -21.01
CA TYR C 34 14.40 6.25 -21.33
C TYR C 34 15.84 6.62 -20.95
N PHE C 35 16.57 5.67 -20.38
CA PHE C 35 18.00 5.86 -20.07
C PHE C 35 18.66 4.48 -20.13
N LYS C 36 19.95 4.49 -20.47
CA LYS C 36 20.86 3.35 -20.25
C LYS C 36 21.99 3.85 -19.37
N CYS C 37 22.56 2.94 -18.56
N CYS C 37 22.58 2.98 -18.55
CA CYS C 37 23.77 3.19 -17.76
CA CYS C 37 23.89 3.28 -17.94
C CYS C 37 24.72 2.00 -17.90
C CYS C 37 24.71 2.01 -17.78
N GLU C 38 26.01 2.24 -17.65
CA GLU C 38 27.05 1.20 -17.47
C GLU C 38 27.83 1.57 -16.22
N GLY C 39 28.21 0.55 -15.46
CA GLY C 39 29.06 0.78 -14.27
C GLY C 39 30.30 -0.07 -14.38
N GLU C 40 31.40 0.41 -13.84
CA GLU C 40 32.61 -0.38 -13.59
C GLU C 40 32.86 -0.28 -12.10
N GLY C 41 33.16 -1.38 -11.43
CA GLY C 41 33.25 -1.37 -9.97
C GLY C 41 34.23 -2.37 -9.41
N ASP C 42 34.36 -2.42 -8.08
CA ASP C 42 35.28 -3.34 -7.38
C ASP C 42 34.96 -3.33 -5.89
N GLY C 43 35.48 -4.30 -5.16
CA GLY C 43 35.03 -4.54 -3.79
C GLY C 43 35.69 -5.76 -3.20
N ASN C 44 35.60 -5.85 -1.89
CA ASN C 44 35.95 -7.05 -1.11
C ASN C 44 34.65 -7.68 -0.66
N PRO C 45 34.19 -8.74 -1.36
CA PRO C 45 32.90 -9.34 -1.05
C PRO C 45 32.82 -9.91 0.38
N PHE C 46 33.95 -10.32 0.97
CA PHE C 46 33.97 -10.93 2.31
C PHE C 46 33.99 -9.81 3.35
N ALA C 47 34.58 -8.65 3.02
CA ALA C 47 34.69 -7.48 3.94
C ALA C 47 33.36 -6.71 3.91
N GLY C 48 32.58 -6.92 2.84
CA GLY C 48 31.26 -6.34 2.60
C GLY C 48 31.33 -4.91 2.03
N THR C 49 32.47 -4.50 1.46
CA THR C 49 32.71 -3.14 0.90
C THR C 49 32.82 -3.20 -0.65
N GLN C 50 32.33 -2.17 -1.32
CA GLN C 50 32.50 -2.05 -2.79
C GLN C 50 32.32 -0.59 -3.20
N SER C 51 32.71 -0.27 -4.42
CA SER C 51 32.49 1.06 -5.04
C SER C 51 32.10 0.85 -6.50
N MET C 52 31.56 1.89 -7.14
CA MET C 52 31.09 1.81 -8.54
C MET C 52 31.09 3.20 -9.17
N ARG C 53 31.70 3.33 -10.35
CA ARG C 53 31.50 4.46 -11.30
C ARG C 53 30.38 4.12 -12.27
N ILE C 54 29.42 5.02 -12.46
CA ILE C 54 28.32 4.79 -13.43
C ILE C 54 28.34 5.94 -14.42
N HIS C 55 28.26 5.58 -15.70
CA HIS C 55 28.04 6.50 -16.84
C HIS C 55 26.61 6.29 -17.38
N VAL C 56 25.85 7.36 -17.43
CA VAL C 56 24.57 7.41 -18.16
C VAL C 56 24.95 7.57 -19.64
N THR C 57 24.77 6.52 -20.42
CA THR C 57 25.28 6.38 -21.80
C THR C 57 24.17 6.65 -22.79
N GLU C 58 22.90 6.62 -22.37
CA GLU C 58 21.73 7.15 -23.13
C GLU C 58 20.82 7.90 -22.14
N GLY C 59 20.21 8.98 -22.62
CA GLY C 59 19.26 9.83 -21.89
C GLY C 59 19.87 10.72 -20.80
N ALA C 60 21.17 11.01 -20.87
CA ALA C 60 21.85 12.00 -20.01
C ALA C 60 21.64 13.36 -20.67
N PRO C 61 21.48 14.46 -19.90
CA PRO C 61 21.46 14.41 -18.44
C PRO C 61 20.19 13.76 -17.85
N LEU C 62 20.32 12.91 -16.83
CA LEU C 62 19.10 12.26 -16.28
C LEU C 62 18.19 13.37 -15.80
N PRO C 63 16.91 13.37 -16.21
CA PRO C 63 15.95 14.34 -15.68
C PRO C 63 15.30 13.98 -14.34
N PHE C 64 15.98 13.18 -13.51
CA PHE C 64 15.48 12.81 -12.18
C PHE C 64 16.69 12.42 -11.34
N ALA C 65 16.48 12.31 -10.04
CA ALA C 65 17.51 12.01 -9.04
C ALA C 65 18.03 10.58 -9.28
N PHE C 66 19.31 10.46 -9.57
CA PHE C 66 19.99 9.15 -9.72
C PHE C 66 19.81 8.35 -8.41
N ASP C 67 19.61 9.07 -7.29
CA ASP C 67 19.43 8.47 -5.96
C ASP C 67 18.44 7.31 -6.11
N ILE C 68 17.43 7.39 -7.00
CA ILE C 68 16.44 6.28 -7.07
C ILE C 68 17.05 5.03 -7.73
N LEU C 69 18.18 5.16 -8.43
CA LEU C 69 18.72 4.04 -9.21
C LEU C 69 19.87 3.43 -8.43
N ALA C 70 20.42 4.16 -7.47
CA ALA C 70 21.65 3.73 -6.79
C ALA C 70 21.45 2.34 -6.17
N PRO C 71 20.35 2.04 -5.47
CA PRO C 71 20.21 0.69 -4.88
C PRO C 71 19.87 -0.41 -5.91
N CYS C 72 19.73 -0.05 -7.19
CA CYS C 72 19.66 -0.99 -8.33
C CYS C 72 21.07 -1.35 -8.82
N CYS C 73 22.11 -0.67 -8.34
CA CYS C 73 23.50 -0.79 -8.85
C CYS C 73 24.26 -1.85 -8.06
N SER C 75 24.09 -5.16 -5.13
CA SER C 75 25.35 -5.83 -5.29
C SER C 75 25.55 -6.71 -4.07
N ARG C 76 24.70 -7.74 -3.94
CA ARG C 76 24.46 -8.47 -2.68
C ARG C 76 25.50 -9.55 -2.46
N THR C 77 26.43 -9.72 -3.41
CA THR C 77 27.57 -10.61 -3.16
C THR C 77 28.47 -9.98 -2.09
N PHE C 78 28.48 -8.65 -1.95
CA PHE C 78 29.43 -7.88 -1.08
C PHE C 78 28.81 -7.53 0.27
N VAL C 79 28.62 -8.55 1.09
CA VAL C 79 28.10 -8.42 2.47
C VAL C 79 29.00 -9.21 3.39
N HIS C 80 29.52 -8.57 4.43
CA HIS C 80 30.26 -9.26 5.53
C HIS C 80 29.25 -10.03 6.38
N HIS C 81 29.39 -11.35 6.45
CA HIS C 81 28.49 -12.22 7.26
C HIS C 81 29.11 -12.49 8.64
N THR C 82 28.43 -12.07 9.69
CA THR C 82 28.77 -12.35 11.11
C THR C 82 28.05 -13.63 11.54
N ALA C 83 28.42 -14.21 12.68
CA ALA C 83 27.58 -15.21 13.43
C ALA C 83 27.25 -16.45 12.57
N GLU C 84 28.17 -16.84 11.70
CA GLU C 84 28.04 -18.00 10.79
C GLU C 84 26.73 -17.97 10.01
N ILE C 85 26.13 -16.80 9.79
CA ILE C 85 24.88 -16.73 8.98
C ILE C 85 25.19 -17.26 7.58
N PRO C 86 24.46 -18.32 7.11
CA PRO C 86 24.70 -18.84 5.75
C PRO C 86 24.55 -17.68 4.77
N ASP C 87 25.38 -17.66 3.74
CA ASP C 87 25.41 -16.60 2.69
C ASP C 87 24.71 -17.10 1.41
N PHE C 88 23.46 -16.70 1.21
CA PHE C 88 22.64 -17.10 0.03
C PHE C 88 23.38 -16.79 -1.28
N PHE C 89 23.97 -15.60 -1.32
CA PHE C 89 24.58 -14.99 -2.51
C PHE C 89 25.83 -15.77 -2.88
N LYS C 90 26.78 -15.86 -1.96
CA LYS C 90 28.14 -16.38 -2.26
C LYS C 90 28.03 -17.87 -2.57
N GLN C 91 27.19 -18.58 -1.83
CA GLN C 91 26.85 -19.99 -2.12
C GLN C 91 26.27 -20.19 -3.53
N SER C 92 25.70 -19.18 -4.17
CA SER C 92 24.93 -19.36 -5.44
C SER C 92 25.88 -19.54 -6.62
N PHE C 93 27.15 -19.15 -6.48
CA PHE C 93 28.13 -19.18 -7.59
C PHE C 93 28.62 -20.62 -7.80
N PRO C 94 29.01 -21.07 -9.01
CA PRO C 94 29.16 -20.22 -10.18
C PRO C 94 27.89 -19.78 -10.91
N GLU C 95 26.77 -20.39 -10.60
CA GLU C 95 25.49 -20.17 -11.33
C GLU C 95 25.04 -18.72 -11.12
N GLY C 96 25.19 -18.19 -9.89
CA GLY C 96 24.76 -16.84 -9.52
C GLY C 96 23.28 -16.79 -9.19
N PHE C 97 22.72 -15.56 -9.14
CA PHE C 97 21.34 -15.31 -8.66
C PHE C 97 20.75 -14.13 -9.39
N THR C 98 19.45 -13.97 -9.22
CA THR C 98 18.71 -12.77 -9.65
C THR C 98 18.12 -12.10 -8.43
N TRP C 99 17.80 -10.82 -8.54
CA TRP C 99 16.97 -10.15 -7.53
C TRP C 99 15.90 -9.40 -8.27
N GLU C 100 14.74 -9.26 -7.67
CA GLU C 100 13.63 -8.46 -8.23
C GLU C 100 13.08 -7.64 -7.09
N ARG C 101 12.79 -6.37 -7.35
CA ARG C 101 12.37 -5.44 -6.27
C ARG C 101 11.28 -4.49 -6.76
N THR C 102 10.33 -4.23 -5.86
CA THR C 102 9.48 -3.03 -5.97
C THR C 102 9.77 -2.12 -4.77
N THR C 103 10.07 -0.87 -5.09
CA THR C 103 10.21 0.24 -4.14
C THR C 103 9.00 1.16 -4.28
N THR C 104 8.20 1.29 -3.22
CA THR C 104 7.10 2.28 -3.19
C THR C 104 7.57 3.49 -2.38
N TYR C 105 7.41 4.66 -2.97
CA TYR C 105 7.71 5.97 -2.38
C TYR C 105 6.40 6.52 -1.82
N GLU C 106 6.43 7.07 -0.60
CA GLU C 106 5.21 7.51 0.13
C GLU C 106 4.58 8.73 -0.54
N ASP C 107 5.25 9.41 -1.49
CA ASP C 107 4.62 10.51 -2.30
C ASP C 107 4.16 10.02 -3.67
N GLY C 108 4.17 8.72 -3.95
CA GLY C 108 3.44 8.11 -5.08
C GLY C 108 4.36 7.36 -6.04
N GLY C 109 5.65 7.69 -6.10
CA GLY C 109 6.56 7.01 -7.05
C GLY C 109 6.62 5.50 -6.80
N ILE C 110 6.64 4.70 -7.86
CA ILE C 110 6.97 3.23 -7.84
C ILE C 110 8.15 2.93 -8.78
N LEU C 111 9.19 2.29 -8.26
CA LEU C 111 10.30 1.79 -9.08
C LEU C 111 10.38 0.27 -8.92
N THR C 112 10.21 -0.44 -10.04
CA THR C 112 10.34 -1.90 -10.15
C THR C 112 11.61 -2.20 -10.98
N ALA C 113 12.44 -3.13 -10.50
CA ALA C 113 13.70 -3.51 -11.16
C ALA C 113 13.91 -5.03 -11.07
N HIS C 114 14.43 -5.63 -12.12
CA HIS C 114 14.90 -7.03 -12.12
C HIS C 114 16.39 -7.01 -12.44
N GLN C 115 17.14 -7.88 -11.79
CA GLN C 115 18.60 -7.89 -11.91
C GLN C 115 19.07 -9.34 -12.08
N ASP C 116 20.12 -9.54 -12.87
CA ASP C 116 20.80 -10.83 -13.10
C ASP C 116 22.26 -10.64 -12.69
N THR C 117 22.76 -11.47 -11.80
CA THR C 117 24.17 -11.47 -11.36
C THR C 117 24.85 -12.71 -11.96
N SER C 118 25.93 -12.51 -12.72
N SER C 118 25.94 -12.51 -12.70
CA SER C 118 26.78 -13.60 -13.29
CA SER C 118 26.77 -13.58 -13.32
C SER C 118 28.26 -13.37 -12.92
C SER C 118 28.26 -13.36 -12.98
N LEU C 119 29.05 -14.43 -13.06
CA LEU C 119 30.48 -14.39 -12.72
C LEU C 119 31.25 -14.95 -13.93
N GLU C 120 32.17 -14.17 -14.49
CA GLU C 120 33.20 -14.59 -15.46
C GLU C 120 34.57 -14.26 -14.87
N GLY C 121 35.42 -15.25 -14.72
CA GLY C 121 36.69 -15.03 -14.02
C GLY C 121 36.44 -14.42 -12.66
N ASN C 122 36.97 -13.23 -12.46
CA ASN C 122 36.79 -12.51 -11.18
C ASN C 122 36.15 -11.16 -11.50
N CYS C 123 35.18 -11.16 -12.42
CA CYS C 123 34.27 -10.03 -12.70
C CYS C 123 32.84 -10.51 -12.44
N LEU C 124 32.15 -9.84 -11.52
CA LEU C 124 30.69 -9.94 -11.40
C LEU C 124 30.05 -9.07 -12.48
N ILE C 125 29.13 -9.65 -13.24
CA ILE C 125 28.35 -8.99 -14.32
C ILE C 125 26.90 -8.78 -13.84
N TYR C 126 26.46 -7.53 -13.79
CA TYR C 126 25.08 -7.12 -13.44
C TYR C 126 24.35 -6.62 -14.70
N LYS C 127 23.15 -7.14 -14.92
CA LYS C 127 22.23 -6.70 -15.99
C LYS C 127 20.91 -6.32 -15.30
N VAL C 128 20.55 -5.06 -15.42
CA VAL C 128 19.44 -4.46 -14.63
C VAL C 128 18.43 -3.87 -15.60
N LYS C 129 17.16 -4.15 -15.33
CA LYS C 129 16.01 -3.50 -16.01
C LYS C 129 15.19 -2.84 -14.91
N VAL C 130 14.76 -1.61 -15.19
CA VAL C 130 14.15 -0.67 -14.24
C VAL C 130 12.91 -0.07 -14.90
N LEU C 131 11.76 -0.11 -14.26
CA LEU C 131 10.58 0.71 -14.64
C LEU C 131 10.20 1.57 -13.44
N GLY C 132 10.23 2.89 -13.65
CA GLY C 132 9.69 3.90 -12.70
C GLY C 132 8.37 4.43 -13.20
N THR C 133 7.33 4.40 -12.37
CA THR C 133 5.98 4.91 -12.75
C THR C 133 5.47 5.85 -11.66
N ASN C 134 4.64 6.81 -12.10
CA ASN C 134 3.82 7.75 -11.28
C ASN C 134 4.66 8.52 -10.26
N PHE C 135 5.93 8.83 -10.49
CA PHE C 135 6.66 9.84 -9.68
C PHE C 135 5.98 11.18 -9.91
N PRO C 136 5.63 11.93 -8.85
CA PRO C 136 4.95 13.21 -9.00
C PRO C 136 5.89 14.27 -9.59
N ALA C 137 5.38 14.98 -10.60
CA ALA C 137 6.12 16.02 -11.37
C ALA C 137 6.86 16.97 -10.43
N ASP C 138 6.29 17.32 -9.28
CA ASP C 138 6.80 18.45 -8.44
C ASP C 138 7.49 17.86 -7.19
N GLY C 139 7.59 16.54 -7.13
CA GLY C 139 8.27 15.83 -6.04
C GLY C 139 9.79 15.91 -6.21
N PRO C 140 10.55 15.58 -5.17
CA PRO C 140 12.00 15.74 -5.19
C PRO C 140 12.80 14.76 -6.06
N VAL C 141 12.22 13.61 -6.39
CA VAL C 141 12.87 12.71 -7.38
C VAL C 141 12.86 13.40 -8.75
N MET C 142 11.71 13.82 -9.25
CA MET C 142 11.62 14.38 -10.64
C MET C 142 12.22 15.81 -10.70
N LYS C 143 12.20 16.57 -9.59
CA LYS C 143 12.88 17.90 -9.54
C LYS C 143 14.35 17.69 -9.21
N ASN C 144 14.77 16.46 -8.93
CA ASN C 144 16.19 16.10 -8.71
C ASN C 144 16.73 16.92 -7.53
N LYS C 145 16.07 16.86 -6.38
CA LYS C 145 16.45 17.65 -5.17
C LYS C 145 16.81 16.72 -3.99
N SER C 146 16.96 15.42 -4.18
CA SER C 146 17.39 14.49 -3.12
C SER C 146 18.88 14.66 -2.80
N GLY C 147 19.30 14.27 -1.58
CA GLY C 147 20.68 14.38 -1.06
C GLY C 147 21.17 13.05 -0.52
N GLY C 148 20.84 11.98 -1.24
CA GLY C 148 21.31 10.65 -0.86
C GLY C 148 20.45 10.02 0.22
N TRP C 149 20.85 8.81 0.59
CA TRP C 149 20.08 7.88 1.45
C TRP C 149 20.63 7.87 2.87
N GLU C 150 19.76 7.63 3.86
CA GLU C 150 20.27 7.26 5.21
C GLU C 150 20.79 5.83 5.12
N PRO C 151 21.61 5.38 6.11
CA PRO C 151 21.84 3.96 6.28
C PRO C 151 20.49 3.32 6.66
N SER C 152 20.41 2.00 6.49
CA SER C 152 19.18 1.17 6.39
C SER C 152 19.49 -0.18 7.04
N THR C 153 18.44 -0.91 7.38
CA THR C 153 18.59 -2.33 7.78
C THR C 153 17.50 -3.13 7.08
N GLU C 154 17.92 -3.96 6.13
CA GLU C 154 17.05 -4.95 5.46
C GLU C 154 16.76 -6.10 6.44
N VAL C 155 15.51 -6.52 6.41
CA VAL C 155 15.01 -7.77 7.02
C VAL C 155 15.04 -8.83 5.91
N VAL C 156 15.68 -9.94 6.20
CA VAL C 156 15.96 -11.05 5.25
C VAL C 156 15.41 -12.35 5.84
N TYR C 157 14.63 -13.12 5.09
CA TYR C 157 13.98 -14.33 5.63
C TYR C 157 13.72 -15.24 4.45
N PRO C 158 13.85 -16.58 4.64
CA PRO C 158 13.50 -17.55 3.60
C PRO C 158 11.99 -17.73 3.45
N GLU C 159 11.55 -18.02 2.22
CA GLU C 159 10.23 -18.57 1.83
C GLU C 159 10.42 -19.68 0.77
N ASN C 160 10.68 -20.92 1.19
CA ASN C 160 10.90 -22.12 0.32
C ASN C 160 11.88 -21.85 -0.82
N GLY C 161 13.18 -21.80 -0.51
CA GLY C 161 14.25 -21.65 -1.52
C GLY C 161 14.47 -20.21 -1.96
N VAL C 162 13.47 -19.34 -1.79
CA VAL C 162 13.53 -17.89 -2.15
C VAL C 162 13.98 -17.09 -0.94
N LEU C 163 14.94 -16.17 -1.08
CA LEU C 163 15.30 -15.23 0.01
C LEU C 163 14.55 -13.92 -0.18
N CYS C 164 13.87 -13.47 0.87
CA CYS C 164 12.96 -12.32 0.83
C CYS C 164 13.63 -11.19 1.58
N GLY C 165 13.45 -9.99 1.07
CA GLY C 165 13.92 -8.75 1.70
C GLY C 165 12.79 -7.77 1.82
N ARG C 166 12.76 -7.09 2.95
CA ARG C 166 11.88 -5.94 3.24
C ARG C 166 12.76 -4.86 3.88
N ASN C 167 12.40 -3.60 3.64
CA ASN C 167 13.26 -2.47 4.06
C ASN C 167 12.42 -1.20 4.06
N VAL C 168 12.73 -0.34 5.03
CA VAL C 168 12.37 1.11 5.01
C VAL C 168 13.65 1.88 4.75
N MET C 169 13.67 2.66 3.67
CA MET C 169 14.79 3.60 3.40
C MET C 169 14.28 5.03 3.46
N ALA C 170 15.19 5.93 3.69
CA ALA C 170 14.89 7.35 3.92
C ALA C 170 15.76 8.14 2.96
N LEU C 171 15.11 8.77 2.01
CA LEU C 171 15.77 9.70 1.06
C LEU C 171 15.86 11.08 1.71
N LYS C 172 17.07 11.66 1.72
CA LYS C 172 17.26 13.02 2.28
C LYS C 172 16.80 14.06 1.27
N VAL C 173 15.89 14.90 1.74
CA VAL C 173 15.36 16.09 1.04
C VAL C 173 15.49 17.25 2.02
N GLY C 174 16.69 17.83 2.07
CA GLY C 174 17.12 18.77 3.12
C GLY C 174 17.03 18.16 4.50
N ASP C 175 16.25 18.81 5.36
CA ASP C 175 15.91 18.44 6.76
C ASP C 175 14.81 17.38 6.77
N ARG C 176 14.06 17.24 5.68
CA ARG C 176 12.97 16.25 5.60
C ARG C 176 13.50 14.90 5.04
N ARG C 177 12.74 13.84 5.26
CA ARG C 177 13.11 12.50 4.79
C ARG C 177 11.93 11.98 3.98
N LEU C 178 12.14 11.53 2.73
CA LEU C 178 11.11 10.85 1.91
C LEU C 178 11.25 9.34 2.11
N ILE C 179 10.20 8.72 2.60
CA ILE C 179 10.29 7.29 3.00
C ILE C 179 9.88 6.42 1.83
N CYS C 180 10.59 5.32 1.63
CA CYS C 180 10.17 4.32 0.63
C CYS C 180 10.33 2.91 1.22
N HIS C 181 9.62 1.97 0.62
CA HIS C 181 9.47 0.59 1.16
C HIS C 181 10.00 -0.37 0.08
N HIS C 182 10.92 -1.24 0.47
CA HIS C 182 11.47 -2.26 -0.46
C HIS C 182 10.72 -3.58 -0.27
N TYR C 183 10.27 -4.16 -1.39
CA TYR C 183 9.83 -5.57 -1.46
C TYR C 183 10.76 -6.31 -2.43
N THR C 184 11.69 -7.08 -1.88
CA THR C 184 12.70 -7.82 -2.66
C THR C 184 12.50 -9.36 -2.61
N SER C 185 12.67 -10.03 -3.76
CA SER C 185 12.85 -11.51 -3.85
C SER C 185 14.21 -11.81 -4.47
N TYR C 186 14.99 -12.67 -3.83
CA TYR C 186 16.32 -13.14 -4.30
C TYR C 186 16.16 -14.62 -4.67
N ARG C 187 16.46 -14.99 -5.93
CA ARG C 187 16.35 -16.38 -6.50
C ARG C 187 17.74 -16.92 -6.93
N SER C 188 18.22 -17.98 -6.30
CA SER C 188 19.46 -18.69 -6.69
C SER C 188 19.24 -19.35 -8.06
N LYS C 189 20.28 -19.42 -8.90
CA LYS C 189 20.28 -20.26 -10.12
C LYS C 189 20.93 -21.63 -9.83
N LYS C 190 21.34 -21.87 -8.60
CA LYS C 190 21.84 -23.17 -8.15
C LYS C 190 20.60 -23.95 -7.71
N ALA C 191 20.53 -25.27 -7.98
CA ALA C 191 19.44 -26.14 -7.50
C ALA C 191 19.26 -25.88 -5.99
N VAL C 192 18.01 -25.82 -5.50
CA VAL C 192 17.70 -25.48 -4.07
C VAL C 192 18.25 -26.59 -3.17
N ARG C 193 18.42 -27.81 -3.66
CA ARG C 193 19.04 -28.93 -2.88
C ARG C 193 20.45 -28.55 -2.42
N ALA C 194 21.18 -27.65 -3.11
CA ALA C 194 22.64 -27.45 -2.92
C ALA C 194 22.92 -26.18 -2.09
N LEU C 195 21.90 -25.49 -1.56
CA LEU C 195 22.07 -24.29 -0.71
C LEU C 195 21.70 -24.61 0.74
N THR C 196 22.46 -24.08 1.69
CA THR C 196 22.01 -23.87 3.09
C THR C 196 21.33 -22.51 3.15
N MET C 197 20.00 -22.50 3.24
CA MET C 197 19.19 -21.27 3.43
C MET C 197 19.55 -20.66 4.77
N PRO C 198 19.71 -19.34 4.90
CA PRO C 198 19.80 -18.72 6.21
C PRO C 198 18.39 -18.70 6.83
N GLY C 199 18.35 -18.45 8.13
CA GLY C 199 17.09 -18.05 8.79
C GLY C 199 16.94 -16.55 8.68
N PHE C 200 15.89 -16.01 9.31
CA PHE C 200 15.61 -14.58 9.53
C PHE C 200 16.84 -13.91 10.11
N HIS C 201 17.27 -12.85 9.48
CA HIS C 201 18.38 -11.98 9.96
C HIS C 201 18.24 -10.59 9.33
N PHE C 202 19.21 -9.72 9.60
CA PHE C 202 19.25 -8.33 9.12
C PHE C 202 20.53 -8.09 8.35
N THR C 203 20.43 -7.23 7.35
CA THR C 203 21.61 -6.69 6.61
C THR C 203 21.61 -5.18 6.79
N ASP C 204 22.55 -4.67 7.56
CA ASP C 204 22.91 -3.22 7.57
C ASP C 204 23.50 -2.84 6.22
N ILE C 205 23.09 -1.71 5.69
CA ILE C 205 23.50 -1.20 4.35
C ILE C 205 23.70 0.29 4.49
N ARG C 206 24.92 0.75 4.24
CA ARG C 206 25.11 2.13 4.03
C ARG C 206 25.58 2.39 2.57
N LEU C 207 24.72 3.02 1.77
CA LEU C 207 24.94 3.38 0.36
C LEU C 207 25.21 4.89 0.26
N GLN C 208 26.46 5.28 -0.05
CA GLN C 208 26.90 6.70 -0.18
C GLN C 208 27.17 7.05 -1.66
N MET C 209 26.78 8.25 -2.09
CA MET C 209 27.18 8.82 -3.40
C MET C 209 28.37 9.75 -3.17
N LEU C 210 29.56 9.30 -3.54
CA LEU C 210 30.80 10.07 -3.27
C LEU C 210 30.94 11.21 -4.29
N ARG C 211 30.41 11.09 -5.49
CA ARG C 211 30.64 12.12 -6.54
C ARG C 211 29.46 12.07 -7.50
N LYS C 212 29.01 13.22 -7.98
CA LYS C 212 28.04 13.32 -9.10
C LYS C 212 28.48 14.45 -10.05
N GLU C 213 28.20 14.33 -11.35
CA GLU C 213 28.62 15.30 -12.38
C GLU C 213 27.58 15.28 -13.53
N LYS C 214 26.92 16.42 -13.76
CA LYS C 214 26.19 16.71 -15.01
C LYS C 214 25.00 15.75 -15.15
N ASP C 215 24.57 15.17 -14.04
CA ASP C 215 23.50 14.15 -13.98
C ASP C 215 23.82 13.06 -14.99
N GLU C 216 25.09 12.68 -15.06
CA GLU C 216 25.62 11.82 -16.13
C GLU C 216 26.71 10.89 -15.59
N TYR C 217 27.53 11.36 -14.66
CA TYR C 217 28.59 10.50 -14.07
C TYR C 217 28.35 10.49 -12.55
N PHE C 218 28.37 9.29 -11.96
CA PHE C 218 28.15 9.10 -10.51
C PHE C 218 29.14 8.08 -9.94
N GLU C 219 29.48 8.30 -8.67
CA GLU C 219 30.39 7.41 -7.95
C GLU C 219 29.67 6.96 -6.67
N LEU C 220 29.53 5.65 -6.50
CA LEU C 220 28.86 5.06 -5.33
C LEU C 220 29.89 4.28 -4.53
N TYR C 221 29.61 4.21 -3.23
CA TYR C 221 30.29 3.36 -2.26
C TYR C 221 29.23 2.74 -1.36
N GLU C 222 29.36 1.45 -1.05
CA GLU C 222 28.40 0.74 -0.19
C GLU C 222 29.14 -0.27 0.71
N ALA C 223 28.75 -0.34 2.00
CA ALA C 223 29.16 -1.37 2.99
C ALA C 223 27.89 -2.09 3.50
N SER C 224 27.96 -3.40 3.64
CA SER C 224 26.84 -4.25 4.09
C SER C 224 27.35 -5.27 5.13
N VAL C 225 26.60 -5.46 6.23
CA VAL C 225 26.82 -6.52 7.25
C VAL C 225 25.50 -7.28 7.49
N ALA C 226 25.54 -8.60 7.33
CA ALA C 226 24.52 -9.58 7.75
C ALA C 226 24.76 -9.96 9.22
N ARG C 227 23.72 -9.86 10.06
CA ARG C 227 23.85 -10.06 11.51
C ARG C 227 22.48 -10.34 12.11
N TYR C 228 22.49 -10.79 13.37
CA TYR C 228 21.30 -10.87 14.26
C TYR C 228 21.12 -9.53 14.96
N SER C 229 20.00 -9.39 15.65
CA SER C 229 19.69 -8.27 16.56
C SER C 229 20.76 -8.22 17.66
N ASP C 230 21.20 -7.00 17.99
CA ASP C 230 22.19 -6.69 19.06
C ASP C 230 21.53 -6.97 20.41
N LEU C 231 20.19 -6.91 20.49
CA LEU C 231 19.39 -7.05 21.74
C LEU C 231 19.44 -8.47 22.27
N PRO C 232 19.79 -8.65 23.56
CA PRO C 232 19.61 -9.94 24.21
C PRO C 232 18.14 -10.38 24.25
N GLU C 233 17.96 -11.69 24.15
CA GLU C 233 16.67 -12.41 24.37
C GLU C 233 16.64 -12.88 25.83
N LYS C 234 15.54 -12.60 26.54
CA LYS C 234 15.24 -13.12 27.91
C LYS C 234 14.64 -14.53 27.77
N ALA C 235 14.62 -15.36 28.82
CA ALA C 235 14.07 -16.74 28.79
C ALA C 235 12.76 -16.82 29.60
N GLY D 14 14.62 14.35 37.82
CA GLY D 14 14.23 13.09 38.51
C GLY D 14 12.74 12.78 38.40
N LEU D 15 12.06 13.26 37.35
CA LEU D 15 10.59 13.03 37.18
C LEU D 15 10.30 11.55 36.89
N LEU D 16 11.17 10.85 36.17
CA LEU D 16 11.05 9.38 36.01
C LEU D 16 12.06 8.69 36.94
N LYS D 17 11.67 7.58 37.54
CA LYS D 17 12.53 6.77 38.43
C LYS D 17 13.09 5.56 37.66
N GLU D 18 14.24 5.05 38.13
CA GLU D 18 14.84 3.71 37.87
C GLU D 18 13.77 2.62 37.80
N SER D 19 12.75 2.72 38.63
CA SER D 19 11.68 1.70 38.72
C SER D 19 10.32 2.39 38.61
N MET D 20 9.60 2.17 37.54
CA MET D 20 8.30 2.79 37.23
C MET D 20 7.21 1.70 37.21
N ARG D 21 6.03 2.07 37.65
CA ARG D 21 4.81 1.22 37.60
C ARG D 21 4.06 1.63 36.33
N ILE D 22 3.30 0.72 35.70
CA ILE D 22 2.50 1.06 34.48
C ILE D 22 1.09 0.54 34.67
N LYS D 23 0.08 1.35 34.34
CA LYS D 23 -1.31 0.85 34.23
C LYS D 23 -1.81 1.13 32.81
N MET D 24 -2.41 0.13 32.16
CA MET D 24 -2.91 0.25 30.78
C MET D 24 -4.40 -0.11 30.71
N TYR D 25 -5.17 0.69 29.97
CA TYR D 25 -6.58 0.41 29.57
C TYR D 25 -6.64 0.43 28.05
N MET D 26 -7.19 -0.63 27.49
CA MET D 26 -7.27 -0.79 26.03
C MET D 26 -8.69 -1.18 25.73
N GLU D 27 -9.21 -0.63 24.65
CA GLU D 27 -10.56 -0.97 24.16
C GLU D 27 -10.46 -1.06 22.62
N GLY D 28 -11.09 -2.07 22.05
CA GLY D 28 -11.21 -2.05 20.58
C GLY D 28 -12.14 -3.09 19.97
N THR D 29 -12.10 -3.09 18.65
CA THR D 29 -12.80 -4.07 17.77
CA THR D 29 -12.77 -4.10 17.80
C THR D 29 -11.82 -4.46 16.66
N VAL D 30 -11.67 -5.75 16.45
CA VAL D 30 -10.90 -6.39 15.36
C VAL D 30 -11.89 -7.31 14.65
N ASN D 31 -12.19 -7.07 13.37
CA ASN D 31 -13.06 -7.96 12.54
C ASN D 31 -14.43 -8.14 13.20
N GLY D 32 -14.97 -7.06 13.75
CA GLY D 32 -16.30 -6.97 14.40
C GLY D 32 -16.31 -7.43 15.86
N HIS D 33 -15.23 -8.03 16.35
CA HIS D 33 -15.15 -8.60 17.73
C HIS D 33 -14.70 -7.49 18.69
N TYR D 34 -15.61 -7.05 19.57
CA TYR D 34 -15.32 -6.02 20.62
C TYR D 34 -14.55 -6.68 21.76
N PHE D 35 -13.57 -5.99 22.34
CA PHE D 35 -12.82 -6.48 23.52
C PHE D 35 -12.38 -5.25 24.32
N LYS D 36 -12.08 -5.51 25.59
CA LYS D 36 -11.34 -4.60 26.50
C LYS D 36 -10.27 -5.38 27.26
N CYS D 37 -9.20 -4.70 27.59
CA CYS D 37 -7.99 -5.24 28.23
C CYS D 37 -7.56 -4.22 29.27
N GLU D 38 -6.99 -4.74 30.35
CA GLU D 38 -6.30 -3.94 31.39
C GLU D 38 -4.99 -4.63 31.66
N GLY D 39 -3.94 -3.85 31.89
CA GLY D 39 -2.61 -4.41 32.14
C GLY D 39 -1.93 -3.65 33.25
N GLU D 40 -1.04 -4.32 33.96
CA GLU D 40 -0.17 -3.67 34.94
C GLU D 40 1.25 -4.11 34.62
N GLY D 41 2.19 -3.16 34.67
CA GLY D 41 3.61 -3.47 34.49
C GLY D 41 4.53 -2.54 35.23
N ASP D 42 5.80 -2.73 34.91
CA ASP D 42 6.95 -2.16 35.61
C ASP D 42 8.08 -2.17 34.58
N GLY D 43 9.09 -1.35 34.81
CA GLY D 43 10.36 -1.46 34.10
C GLY D 43 11.29 -0.33 34.47
N ASN D 44 12.47 -0.36 33.88
CA ASN D 44 13.48 0.70 34.05
C ASN D 44 13.45 1.52 32.77
N PRO D 45 12.96 2.78 32.78
CA PRO D 45 12.93 3.58 31.57
C PRO D 45 14.31 3.88 30.99
N PHE D 46 15.33 3.93 31.84
CA PHE D 46 16.70 4.29 31.43
C PHE D 46 17.41 3.07 30.86
N ALA D 47 17.14 1.87 31.41
CA ALA D 47 17.77 0.62 30.93
C ALA D 47 16.99 0.12 29.70
N GLY D 48 15.80 0.65 29.48
CA GLY D 48 14.99 0.33 28.30
C GLY D 48 14.35 -1.04 28.43
N THR D 49 14.00 -1.43 29.64
CA THR D 49 13.39 -2.76 29.89
C THR D 49 12.00 -2.56 30.52
N GLN D 50 11.07 -3.50 30.29
CA GLN D 50 9.71 -3.45 30.85
C GLN D 50 9.00 -4.79 30.65
N SER D 51 8.14 -5.14 31.57
CA SER D 51 7.22 -6.29 31.45
C SER D 51 5.83 -5.78 31.72
N MET D 52 4.85 -6.59 31.38
CA MET D 52 3.42 -6.25 31.57
CA MET D 52 3.41 -6.24 31.52
C MET D 52 2.57 -7.52 31.58
N ARG D 53 1.50 -7.50 32.38
CA ARG D 53 0.49 -8.56 32.52
C ARG D 53 -0.78 -7.99 31.92
N ILE D 54 -1.42 -8.68 31.00
CA ILE D 54 -2.65 -8.12 30.38
C ILE D 54 -3.77 -9.10 30.64
N HIS D 55 -4.87 -8.60 31.20
CA HIS D 55 -6.14 -9.34 31.34
C HIS D 55 -7.09 -8.90 30.22
N VAL D 56 -7.65 -9.84 29.45
CA VAL D 56 -8.86 -9.54 28.64
C VAL D 56 -10.09 -9.53 29.57
N THR D 57 -10.72 -8.35 29.75
CA THR D 57 -11.80 -8.09 30.73
C THR D 57 -13.19 -8.16 30.05
N GLU D 58 -13.30 -7.92 28.74
CA GLU D 58 -14.51 -8.21 27.91
C GLU D 58 -14.09 -8.83 26.57
N GLY D 59 -14.97 -9.65 26.00
CA GLY D 59 -14.78 -10.34 24.71
C GLY D 59 -13.73 -11.44 24.75
N ALA D 60 -13.41 -11.94 25.94
CA ALA D 60 -12.66 -13.21 26.14
C ALA D 60 -13.58 -14.38 25.86
N PRO D 61 -13.06 -15.45 25.24
CA PRO D 61 -11.67 -15.46 24.75
C PRO D 61 -11.52 -14.71 23.41
N LEU D 62 -10.40 -14.02 23.21
CA LEU D 62 -10.13 -13.31 21.94
C LEU D 62 -10.08 -14.33 20.81
N PRO D 63 -10.84 -14.12 19.72
CA PRO D 63 -10.78 -15.02 18.57
C PRO D 63 -9.78 -14.57 17.47
N PHE D 64 -8.58 -14.18 17.88
CA PHE D 64 -7.48 -13.72 17.01
C PHE D 64 -6.26 -13.68 17.91
N ALA D 65 -5.10 -13.71 17.30
CA ALA D 65 -3.79 -13.73 17.98
C ALA D 65 -3.59 -12.40 18.69
N PHE D 66 -3.26 -12.45 19.97
CA PHE D 66 -2.95 -11.25 20.78
C PHE D 66 -1.66 -10.59 20.26
N ASP D 67 -0.87 -11.30 19.48
CA ASP D 67 0.36 -10.76 18.85
C ASP D 67 0.04 -9.41 18.19
N ILE D 68 -1.12 -9.25 17.56
CA ILE D 68 -1.42 -7.97 16.84
C ILE D 68 -1.67 -6.83 17.85
N LEU D 69 -2.02 -7.13 19.10
CA LEU D 69 -2.29 -6.14 20.16
C LEU D 69 -1.01 -5.88 20.94
N ALA D 70 -0.07 -6.80 20.94
CA ALA D 70 1.12 -6.70 21.81
C ALA D 70 1.87 -5.40 21.59
N PRO D 71 2.10 -4.94 20.34
CA PRO D 71 2.82 -3.69 20.09
C PRO D 71 2.01 -2.44 20.45
N CYS D 72 0.72 -2.60 20.75
CA CYS D 72 -0.14 -1.50 21.25
C CYS D 72 0.09 -1.29 22.74
N CYS D 73 0.76 -2.21 23.42
CA CYS D 73 0.73 -2.24 24.90
C CYS D 73 1.85 -1.35 25.44
N SER D 75 5.10 1.49 24.59
CA SER D 75 5.58 1.97 25.92
C SER D 75 6.95 2.60 25.68
N ARG D 76 6.94 3.72 24.98
CA ARG D 76 8.12 4.33 24.35
C ARG D 76 8.93 5.13 25.35
N THR D 77 8.46 5.27 26.58
CA THR D 77 9.22 5.86 27.70
C THR D 77 10.37 4.93 28.10
N PHE D 78 10.32 3.65 27.75
CA PHE D 78 11.32 2.64 28.18
C PHE D 78 12.22 2.28 26.98
N VAL D 79 13.19 3.15 26.75
CA VAL D 79 14.24 3.03 25.69
C VAL D 79 15.57 3.54 26.23
N HIS D 80 16.59 2.70 26.20
CA HIS D 80 17.99 3.08 26.51
C HIS D 80 18.49 3.92 25.35
N HIS D 81 18.74 5.21 25.58
CA HIS D 81 19.25 6.18 24.57
C HIS D 81 20.78 6.19 24.63
N THR D 82 21.41 5.79 23.52
CA THR D 82 22.88 5.81 23.28
C THR D 82 23.26 7.09 22.54
N ALA D 83 24.55 7.43 22.55
CA ALA D 83 25.14 8.45 21.68
C ALA D 83 24.43 9.79 21.90
N GLU D 84 23.95 10.02 23.12
CA GLU D 84 23.39 11.32 23.54
C GLU D 84 22.22 11.72 22.61
N ILE D 85 21.57 10.74 22.00
CA ILE D 85 20.38 10.98 21.14
C ILE D 85 19.30 11.63 22.01
N PRO D 86 18.80 12.83 21.65
CA PRO D 86 17.72 13.45 22.41
C PRO D 86 16.50 12.52 22.50
N ASP D 87 15.94 12.40 23.70
CA ASP D 87 14.86 11.46 24.07
C ASP D 87 13.51 12.16 24.07
N PHE D 88 12.79 12.13 22.94
CA PHE D 88 11.49 12.82 22.73
C PHE D 88 10.51 12.45 23.85
N PHE D 89 10.51 11.18 24.24
CA PHE D 89 9.48 10.61 25.12
C PHE D 89 9.68 11.12 26.54
N LYS D 90 10.89 10.99 27.08
CA LYS D 90 11.19 11.40 28.47
C LYS D 90 11.17 12.92 28.60
N GLN D 91 11.64 13.66 27.59
CA GLN D 91 11.57 15.14 27.66
C GLN D 91 10.10 15.56 27.76
N SER D 92 9.14 14.70 27.39
CA SER D 92 7.71 15.09 27.23
C SER D 92 7.03 15.19 28.60
N PHE D 93 7.54 14.53 29.63
CA PHE D 93 6.96 14.59 30.99
C PHE D 93 7.20 15.98 31.58
N PRO D 94 6.33 16.49 32.48
CA PRO D 94 5.21 15.73 33.03
C PRO D 94 3.95 15.63 32.16
N GLU D 95 3.87 16.42 31.09
CA GLU D 95 2.66 16.53 30.22
C GLU D 95 2.40 15.19 29.53
N GLY D 96 3.47 14.49 29.13
CA GLY D 96 3.40 13.22 28.39
C GLY D 96 3.22 13.40 26.88
N PHE D 97 2.76 12.35 26.22
CA PHE D 97 2.73 12.25 24.75
C PHE D 97 1.64 11.28 24.32
N THR D 98 1.32 11.31 23.02
CA THR D 98 0.45 10.32 22.38
C THR D 98 1.24 9.61 21.28
N TRP D 99 0.77 8.44 20.90
CA TRP D 99 1.18 7.81 19.62
C TRP D 99 -0.06 7.35 18.88
N GLU D 100 0.04 7.41 17.55
CA GLU D 100 -0.99 6.89 16.61
C GLU D 100 -0.25 6.07 15.55
N ARG D 101 -0.76 4.88 15.26
CA ARG D 101 -0.12 3.91 14.35
C ARG D 101 -1.18 3.22 13.51
N THR D 102 -0.85 3.02 12.24
CA THR D 102 -1.51 2.05 11.35
C THR D 102 -0.46 1.00 10.98
N THR D 103 -0.80 -0.26 11.20
CA THR D 103 -0.02 -1.44 10.83
C THR D 103 -0.75 -2.15 9.72
N THR D 104 -0.21 -2.11 8.51
CA THR D 104 -0.66 -2.94 7.35
C THR D 104 0.05 -4.31 7.34
N TYR D 105 -0.75 -5.38 7.42
CA TYR D 105 -0.32 -6.80 7.22
C TYR D 105 -0.35 -7.18 5.73
N GLU D 106 0.68 -7.84 5.23
CA GLU D 106 0.82 -8.20 3.79
C GLU D 106 -0.24 -9.19 3.34
N ASP D 107 -0.90 -9.92 4.25
CA ASP D 107 -2.04 -10.74 3.79
C ASP D 107 -3.37 -10.01 3.93
N GLY D 108 -3.39 -8.73 4.36
CA GLY D 108 -4.59 -7.89 4.26
C GLY D 108 -5.12 -7.33 5.58
N GLY D 109 -4.70 -7.83 6.74
CA GLY D 109 -5.19 -7.22 7.99
C GLY D 109 -4.75 -5.76 8.08
N ILE D 110 -5.56 -4.88 8.67
CA ILE D 110 -5.11 -3.49 8.99
C ILE D 110 -5.44 -3.15 10.43
N LEU D 111 -4.44 -2.83 11.25
CA LEU D 111 -4.65 -2.51 12.68
C LEU D 111 -4.24 -1.07 12.97
N THR D 112 -5.24 -0.25 13.30
CA THR D 112 -5.03 1.16 13.66
C THR D 112 -5.26 1.33 15.18
N ALA D 113 -4.41 2.09 15.85
CA ALA D 113 -4.45 2.34 17.29
C ALA D 113 -4.06 3.79 17.57
N HIS D 114 -4.74 4.39 18.54
CA HIS D 114 -4.38 5.71 19.13
C HIS D 114 -4.12 5.47 20.63
N GLN D 115 -3.05 6.03 21.16
CA GLN D 115 -2.66 5.82 22.57
C GLN D 115 -2.38 7.15 23.25
N ASP D 116 -2.65 7.17 24.53
CA ASP D 116 -2.37 8.32 25.41
C ASP D 116 -1.45 7.83 26.52
N THR D 117 -0.40 8.60 26.80
CA THR D 117 0.53 8.34 27.91
C THR D 117 0.50 9.52 28.87
N SER D 118 0.28 9.23 30.15
CA SER D 118 0.32 10.20 31.26
C SER D 118 1.15 9.66 32.41
N LEU D 119 1.64 10.58 33.22
CA LEU D 119 2.42 10.26 34.43
C LEU D 119 1.66 10.80 35.64
N GLU D 120 1.33 9.90 36.57
CA GLU D 120 0.84 10.21 37.95
C GLU D 120 1.85 9.61 38.93
N GLY D 121 2.54 10.48 39.67
CA GLY D 121 3.66 10.10 40.52
C GLY D 121 4.58 9.13 39.81
N ASN D 122 4.53 7.89 40.25
CA ASN D 122 5.43 6.78 39.87
C ASN D 122 4.79 5.89 38.77
N CYS D 123 3.55 6.18 38.32
CA CYS D 123 2.70 5.30 37.48
C CYS D 123 2.51 5.96 36.11
N LEU D 124 3.09 5.41 35.06
CA LEU D 124 2.63 5.73 33.68
C LEU D 124 1.23 5.12 33.43
N ILE D 125 0.32 5.91 32.88
CA ILE D 125 -1.07 5.53 32.53
C ILE D 125 -1.23 5.52 30.99
N TYR D 126 -1.56 4.37 30.42
CA TYR D 126 -1.80 4.14 28.98
C TYR D 126 -3.30 3.95 28.71
N LYS D 127 -3.84 4.73 27.79
CA LYS D 127 -5.22 4.53 27.27
C LYS D 127 -5.07 4.30 25.77
N VAL D 128 -5.52 3.14 25.30
CA VAL D 128 -5.34 2.74 23.90
C VAL D 128 -6.70 2.44 23.32
N LYS D 129 -6.90 2.89 22.09
CA LYS D 129 -8.02 2.54 21.19
C LYS D 129 -7.48 1.83 19.95
N VAL D 130 -8.13 0.73 19.58
CA VAL D 130 -7.69 -0.24 18.55
C VAL D 130 -8.87 -0.55 17.64
N LEU D 131 -8.72 -0.28 16.34
CA LEU D 131 -9.66 -0.70 15.29
C LEU D 131 -8.88 -1.55 14.30
N GLY D 132 -9.24 -2.85 14.20
CA GLY D 132 -8.73 -3.83 13.24
C GLY D 132 -9.77 -4.21 12.20
N THR D 133 -9.39 -4.16 10.92
CA THR D 133 -10.29 -4.36 9.75
C THR D 133 -9.59 -5.29 8.74
N ASN D 134 -10.43 -6.03 8.02
CA ASN D 134 -10.15 -6.88 6.82
C ASN D 134 -9.06 -7.94 7.12
N PHE D 135 -8.84 -8.37 8.36
CA PHE D 135 -8.03 -9.59 8.62
C PHE D 135 -8.68 -10.79 7.92
N PRO D 136 -7.94 -11.48 7.02
CA PRO D 136 -8.47 -12.64 6.33
C PRO D 136 -8.85 -13.74 7.33
N ALA D 137 -10.05 -14.30 7.14
CA ALA D 137 -10.72 -15.27 8.05
C ALA D 137 -9.83 -16.51 8.18
N ASP D 138 -9.16 -16.89 7.10
CA ASP D 138 -8.29 -18.09 7.00
C ASP D 138 -6.87 -17.80 7.45
N GLY D 139 -6.50 -16.52 7.64
CA GLY D 139 -5.11 -16.09 7.87
C GLY D 139 -4.68 -16.39 9.29
N PRO D 140 -3.37 -16.38 9.57
CA PRO D 140 -2.90 -16.75 10.90
C PRO D 140 -3.28 -15.86 12.08
N VAL D 141 -3.71 -14.61 11.82
CA VAL D 141 -4.13 -13.71 12.91
C VAL D 141 -5.47 -14.24 13.44
N MET D 142 -6.43 -14.39 12.56
CA MET D 142 -7.82 -14.74 12.95
C MET D 142 -7.91 -16.22 13.33
N LYS D 143 -7.01 -17.06 12.82
CA LYS D 143 -6.90 -18.51 13.20
C LYS D 143 -5.97 -18.68 14.41
N ASN D 144 -5.33 -17.62 14.91
CA ASN D 144 -4.53 -17.61 16.16
C ASN D 144 -3.40 -18.67 16.10
N LYS D 145 -2.69 -18.70 14.97
CA LYS D 145 -1.54 -19.59 14.69
C LYS D 145 -0.20 -18.84 14.79
N SER D 146 -0.15 -17.58 15.20
CA SER D 146 1.14 -16.86 15.27
C SER D 146 1.91 -17.34 16.50
N GLY D 147 3.24 -17.19 16.45
CA GLY D 147 4.16 -17.57 17.53
C GLY D 147 5.10 -16.43 17.90
N GLY D 148 4.61 -15.19 17.89
CA GLY D 148 5.36 -14.03 18.41
C GLY D 148 6.05 -13.23 17.32
N TRP D 149 6.67 -12.12 17.71
CA TRP D 149 7.43 -11.21 16.81
C TRP D 149 8.91 -11.59 16.76
N GLU D 150 9.51 -11.46 15.58
CA GLU D 150 10.99 -11.26 15.50
C GLU D 150 11.34 -9.91 16.15
N PRO D 151 12.61 -9.71 16.57
CA PRO D 151 13.08 -8.37 16.95
C PRO D 151 13.03 -7.50 15.70
N SER D 152 13.08 -6.20 15.87
CA SER D 152 12.78 -5.19 14.83
C SER D 152 13.72 -4.00 15.00
N THR D 153 13.67 -3.09 14.05
CA THR D 153 14.32 -1.77 14.17
C THR D 153 13.38 -0.70 13.59
N GLU D 154 12.88 0.18 14.45
CA GLU D 154 12.06 1.34 14.03
C GLU D 154 12.99 2.40 13.45
N VAL D 155 12.57 3.06 12.39
CA VAL D 155 13.23 4.28 11.88
C VAL D 155 12.43 5.45 12.44
N VAL D 156 13.12 6.37 13.12
CA VAL D 156 12.51 7.49 13.87
C VAL D 156 13.12 8.75 13.28
N TYR D 157 12.30 9.70 12.85
CA TYR D 157 12.81 11.00 12.34
C TYR D 157 11.78 12.09 12.63
N PRO D 158 12.21 13.37 12.75
CA PRO D 158 11.30 14.48 12.93
C PRO D 158 10.70 15.07 11.65
N GLU D 159 9.47 15.60 11.80
CA GLU D 159 8.63 16.30 10.79
C GLU D 159 7.87 17.38 11.53
N ASN D 160 8.49 18.55 11.70
CA ASN D 160 7.85 19.73 12.34
C ASN D 160 7.45 19.43 13.79
N GLY D 161 8.39 18.99 14.62
CA GLY D 161 8.10 18.64 16.03
C GLY D 161 7.21 17.41 16.25
N VAL D 162 6.76 16.70 15.19
CA VAL D 162 6.18 15.33 15.30
C VAL D 162 7.31 14.33 15.15
N LEU D 163 7.41 13.34 16.05
CA LEU D 163 8.39 12.27 15.83
C LEU D 163 7.73 11.18 14.97
N CYS D 164 8.33 10.83 13.83
CA CYS D 164 7.76 9.84 12.91
C CYS D 164 8.46 8.51 13.11
N GLY D 165 7.68 7.44 12.98
CA GLY D 165 8.12 6.04 13.06
C GLY D 165 7.72 5.27 11.80
N ARG D 166 8.65 4.47 11.29
CA ARG D 166 8.46 3.42 10.26
C ARG D 166 9.15 2.14 10.77
N ASN D 167 8.56 0.97 10.56
CA ASN D 167 9.15 -0.33 10.95
C ASN D 167 8.59 -1.39 10.00
N VAL D 168 9.41 -2.40 9.74
CA VAL D 168 9.00 -3.68 9.10
C VAL D 168 9.03 -4.71 10.20
N MET D 169 7.92 -5.36 10.47
CA MET D 169 7.85 -6.34 11.57
C MET D 169 7.44 -7.69 10.99
N ALA D 170 7.99 -8.75 11.59
CA ALA D 170 7.82 -10.13 11.10
C ALA D 170 7.17 -10.94 12.22
N LEU D 171 5.99 -11.44 11.92
CA LEU D 171 5.21 -12.34 12.77
C LEU D 171 5.59 -13.77 12.46
N LYS D 172 5.90 -14.53 13.51
CA LYS D 172 6.29 -15.95 13.34
C LYS D 172 5.03 -16.75 13.04
N VAL D 173 5.10 -17.58 12.01
CA VAL D 173 4.01 -18.52 11.63
C VAL D 173 4.68 -19.83 11.24
N GLY D 174 5.06 -20.59 12.25
CA GLY D 174 6.04 -21.68 12.10
C GLY D 174 7.33 -21.16 11.49
N ASP D 175 7.75 -21.73 10.37
CA ASP D 175 9.07 -21.38 9.81
C ASP D 175 8.82 -20.26 8.79
N ARG D 176 7.55 -19.88 8.59
CA ARG D 176 7.24 -18.69 7.74
C ARG D 176 7.17 -17.41 8.58
N ARG D 177 7.30 -16.29 7.90
CA ARG D 177 7.22 -14.94 8.49
C ARG D 177 6.15 -14.15 7.77
N LEU D 178 5.13 -13.66 8.50
CA LEU D 178 4.12 -12.71 7.98
C LEU D 178 4.64 -11.29 8.21
N ILE D 179 4.84 -10.51 7.15
CA ILE D 179 5.36 -9.11 7.28
C ILE D 179 4.19 -8.12 7.49
N CYS D 180 4.39 -7.16 8.39
CA CYS D 180 3.55 -5.96 8.50
C CYS D 180 4.44 -4.73 8.53
N HIS D 181 3.81 -3.59 8.28
CA HIS D 181 4.42 -2.26 8.02
C HIS D 181 3.80 -1.25 8.99
N HIS D 182 4.60 -0.68 9.88
CA HIS D 182 4.22 0.36 10.85
C HIS D 182 4.39 1.78 10.32
N TYR D 183 3.36 2.61 10.46
CA TYR D 183 3.34 4.06 10.15
C TYR D 183 2.86 4.78 11.40
N THR D 184 3.80 5.40 12.12
CA THR D 184 3.58 5.87 13.51
C THR D 184 3.85 7.39 13.55
N SER D 185 2.96 8.14 14.20
CA SER D 185 3.27 9.53 14.63
C SER D 185 3.24 9.60 16.15
N TYR D 186 4.32 10.12 16.74
CA TYR D 186 4.49 10.48 18.17
C TYR D 186 4.34 12.00 18.35
N ARG D 187 3.35 12.45 19.14
CA ARG D 187 3.00 13.86 19.37
C ARG D 187 3.21 14.19 20.84
N SER D 188 4.01 15.18 21.16
CA SER D 188 4.20 15.67 22.56
C SER D 188 2.93 16.41 22.95
N LYS D 189 2.54 16.31 24.21
CA LYS D 189 1.54 17.24 24.82
C LYS D 189 2.26 18.42 25.49
N LYS D 190 3.58 18.35 25.60
CA LYS D 190 4.44 19.53 25.88
C LYS D 190 4.56 20.35 24.58
N ALA D 191 4.68 21.68 24.74
CA ALA D 191 4.97 22.61 23.62
C ALA D 191 6.23 22.12 22.90
N VAL D 192 6.17 22.09 21.56
CA VAL D 192 7.30 21.77 20.64
C VAL D 192 8.53 22.60 21.02
N ARG D 193 8.37 23.91 21.23
CA ARG D 193 9.48 24.87 21.45
C ARG D 193 10.26 24.53 22.73
N ALA D 194 9.69 23.73 23.60
CA ALA D 194 10.33 23.35 24.89
C ALA D 194 11.13 22.04 24.77
N LEU D 195 11.18 21.36 23.61
CA LEU D 195 11.96 20.08 23.43
C LEU D 195 13.15 20.26 22.50
N THR D 196 14.17 19.44 22.75
CA THR D 196 15.25 19.14 21.80
C THR D 196 14.75 17.95 20.94
N MET D 197 14.41 18.19 19.67
CA MET D 197 14.06 17.11 18.72
C MET D 197 15.32 16.33 18.40
N PRO D 198 15.25 15.00 18.36
CA PRO D 198 16.33 14.19 17.83
C PRO D 198 16.36 14.39 16.31
N GLY D 199 17.49 14.06 15.68
CA GLY D 199 17.51 13.76 14.24
C GLY D 199 17.08 12.33 13.93
N PHE D 200 17.37 11.90 12.71
CA PHE D 200 17.07 10.54 12.19
C PHE D 200 17.89 9.53 12.97
N HIS D 201 17.24 8.48 13.43
CA HIS D 201 17.94 7.44 14.21
C HIS D 201 17.11 6.16 14.23
N PHE D 202 17.53 5.19 15.04
CA PHE D 202 16.93 3.85 15.03
C PHE D 202 16.57 3.49 16.46
N THR D 203 15.55 2.67 16.60
CA THR D 203 15.17 2.02 17.87
C THR D 203 15.16 0.50 17.61
N ASP D 204 16.14 -0.20 18.14
CA ASP D 204 16.03 -1.68 18.22
C ASP D 204 14.94 -1.99 19.26
N ILE D 205 14.02 -2.90 18.94
CA ILE D 205 12.90 -3.35 19.82
C ILE D 205 12.79 -4.88 19.74
N ARG D 206 12.70 -5.53 20.90
CA ARG D 206 12.44 -6.92 21.04
C ARG D 206 11.30 -7.21 21.99
N LEU D 207 10.14 -7.43 21.39
CA LEU D 207 8.86 -7.71 22.08
C LEU D 207 8.66 -9.24 22.18
N GLN D 208 8.69 -9.79 23.41
CA GLN D 208 8.55 -11.24 23.73
C GLN D 208 7.29 -11.49 24.50
N MET D 209 6.54 -12.49 24.10
CA MET D 209 5.45 -12.97 24.95
C MET D 209 6.00 -14.11 25.83
N LEU D 210 5.97 -13.89 27.14
CA LEU D 210 6.57 -14.83 28.11
C LEU D 210 5.53 -15.87 28.52
N ARG D 211 4.25 -15.49 28.56
CA ARG D 211 3.19 -16.46 28.92
C ARG D 211 1.86 -16.07 28.31
N LYS D 212 1.01 -17.06 28.04
CA LYS D 212 -0.38 -16.84 27.58
C LYS D 212 -1.30 -17.96 28.09
N GLU D 213 -2.55 -17.60 28.37
CA GLU D 213 -3.56 -18.50 28.98
C GLU D 213 -4.91 -18.18 28.35
N LYS D 214 -5.48 -19.20 27.72
CA LYS D 214 -6.91 -19.32 27.31
C LYS D 214 -7.35 -18.06 26.56
N ASP D 215 -6.43 -17.37 25.89
CA ASP D 215 -6.72 -16.18 25.04
C ASP D 215 -7.38 -15.08 25.88
N GLU D 216 -6.92 -14.91 27.13
CA GLU D 216 -7.49 -13.92 28.08
C GLU D 216 -6.40 -13.37 29.01
N TYR D 217 -5.21 -13.99 29.05
CA TYR D 217 -4.11 -13.50 29.90
C TYR D 217 -2.79 -13.66 29.17
N PHE D 218 -1.94 -12.65 29.26
CA PHE D 218 -0.67 -12.51 28.49
C PHE D 218 0.36 -11.82 29.35
N GLU D 219 1.59 -12.27 29.30
CA GLU D 219 2.71 -11.53 29.90
C GLU D 219 3.68 -11.19 28.79
N LEU D 220 4.08 -9.93 28.74
CA LEU D 220 5.00 -9.33 27.75
C LEU D 220 6.27 -8.87 28.46
N TYR D 221 7.33 -8.80 27.68
CA TYR D 221 8.67 -8.31 28.07
C TYR D 221 9.24 -7.65 26.84
N GLU D 222 9.69 -6.42 27.01
CA GLU D 222 10.25 -5.61 25.90
C GLU D 222 11.51 -4.92 26.37
N ALA D 223 12.53 -4.91 25.48
CA ALA D 223 13.78 -4.09 25.55
C ALA D 223 13.88 -3.21 24.31
N SER D 224 14.35 -1.97 24.48
CA SER D 224 14.48 -0.99 23.37
C SER D 224 15.75 -0.15 23.53
N VAL D 225 16.44 0.12 22.44
CA VAL D 225 17.72 0.89 22.42
C VAL D 225 17.65 1.83 21.22
N ALA D 226 17.81 3.13 21.46
CA ALA D 226 17.96 4.18 20.42
C ALA D 226 19.44 4.34 20.12
N ARG D 227 19.79 4.30 18.84
CA ARG D 227 21.22 4.32 18.40
C ARG D 227 21.26 4.85 16.96
N TYR D 228 22.45 5.21 16.51
CA TYR D 228 22.77 5.40 15.09
C TYR D 228 23.14 4.04 14.46
N SER D 229 23.25 3.99 13.15
CA SER D 229 23.83 2.82 12.44
C SER D 229 25.20 2.52 13.05
N ASP D 230 25.53 1.24 13.19
CA ASP D 230 26.88 0.79 13.59
C ASP D 230 27.83 0.79 12.37
N LEU D 231 27.31 0.85 11.14
CA LEU D 231 28.18 0.93 9.94
C LEU D 231 28.90 2.27 9.91
N PRO D 232 30.24 2.28 9.77
CA PRO D 232 30.95 3.52 9.56
C PRO D 232 30.51 4.14 8.22
N GLU D 233 30.63 5.46 8.19
CA GLU D 233 30.47 6.32 7.01
C GLU D 233 31.89 6.54 6.44
N LYS D 234 32.08 6.28 5.15
CA LYS D 234 33.34 6.61 4.43
C LYS D 234 33.45 8.13 4.25
N ALA D 235 34.64 8.62 3.88
CA ALA D 235 34.96 10.01 3.43
C ALA D 235 33.96 10.51 2.37
#